data_7AKV
#
_entry.id   7AKV
#
_cell.length_a   1.00
_cell.length_b   1.00
_cell.length_c   1.00
_cell.angle_alpha   90.00
_cell.angle_beta   90.00
_cell.angle_gamma   90.00
#
_symmetry.space_group_name_H-M   'P 1'
#
loop_
_entity.id
_entity.type
_entity.pdbx_description
1 polymer 'Plasma protease C1 inhibitor'
2 polymer Vag8
#
loop_
_entity_poly.entity_id
_entity_poly.type
_entity_poly.pdbx_seq_one_letter_code
_entity_poly.pdbx_strand_id
1 'polypeptide(L)'
;PTIQPTQPTTQLPTDSPTQPTTGSFCPGPVTLCSDLESHSTEAVLGDALVDFSLKLYHAFSAMKKVETNMAFSPFSIASL
LTQVLLGAGENTKTNLESILSYPKDFTCVHQALKGFTTKGVTSVSQIFHSPDLAIRDTFVNASRTLYSSSPRVLSNNSDA
NLELINTWVAKNTNNKISRLLDSLPSDTRLVLLNAIYLSAKWKTTFDPKKTRMEPFHFKNSVIKVPMMNSKKYPVAHFID
QTLKAKVGQLQLSHNLSLVILVPQNLKHRLEDMEQALSPSVFKAIMEKLEMSKFQPTLLTLPRIKVTTSQDMLSIMEKLE
FFDFSYDLNLCGLTEDPDLQVSAMQHQTVLELTETGVEAAAASAISVARTLLVFEVQQPFLFVLWDQQHKFPVFMGRVYD
PRA
;
A
2 'polypeptide(L)'
;AVTAAQRIDGGAAFLGDVAIATTKASEHGINVTGRTAEVRVTGGTIRTSGNQAQGLRVGTENAPDNTAVVASVFLQNLII
ETSGTGALGVSVHEPQGGGGTRLSMSGTTVRTRGDDSFALQLSGPASATLNDVALETAGQQAPAVVLWQGAQLNAQGLVV
QVNGAGVSAIHAQDAGSFTLSGSDITARGLEVVGIYVQEGMQGTLTGTRVTTQGDTAPALQVEDAGTHVSMNGGALSTSG
ANSPAAWLLAGGSAQFRDTVLRTVGEASHGVDVAAHSEVELAHAQVRADGQGAHGLVVTRSSAMVRAGSLVESTGDGAAA
LLESGHLTVDGSVVHGHGAAGLEVDGESNVSLLNGARLSSDQPTAIRLIDPRSVLNLDIKDRAQLLGDIAPEAQQPDGSP
EQARVRVALADGGTWAGRTDGAVHTVRLLDRGVWTVTGDSRVAEVKLEGGTLAFAPPAQPKGAFKTLVATQGISGTGTIV
MNAHLPSGTADVLVAPQGFGDRQVLVVNNTDDGTESGATKVPLIEDEQGHTAFTLGNMGGRVDAGARQYELTASEAQADK
ARTWQLTPTNELSTTATAAVNAMAIAASQRIWQAEMDVLLRHMSGLHSIGSPGGFWARGLSQRQRLDTGYGPWQKQTVSG
IELGLDRRVAGGATTAWSVGMLAGYSETRRDGGAYRAGHVHSAHVGAYVSYLNDSGSYVDGVVKYNRFRHGFDIRTTDLK
RVDAKHRSHGLGALLRGGRRIDIDGGWYVEPQASVAWFHAGGSRYEASNGLRVRADGAHSWVLRAGAEAGRQMRLANGNI
VEPYARLGWAQELGADNAVYTNGIRHVTRSRGGFAEARVGVGALLGKRHALYADYEYAKGARFEAPWTLQLGYRYSW
;
G
#
# COMPACT_ATOMS: atom_id res chain seq x y z
N PHE A 25 -13.20 -48.03 28.73
CA PHE A 25 -13.47 -47.51 27.40
C PHE A 25 -12.36 -46.61 26.87
N CYS A 26 -12.14 -46.71 25.57
CA CYS A 26 -11.34 -45.77 24.79
C CYS A 26 -12.09 -45.44 23.52
N PRO A 27 -11.96 -44.21 23.02
CA PRO A 27 -12.66 -43.83 21.78
C PRO A 27 -12.57 -44.91 20.70
N GLY A 28 -13.69 -45.17 20.04
CA GLY A 28 -13.75 -46.19 19.02
C GLY A 28 -13.04 -45.79 17.75
N PRO A 29 -12.78 -46.75 16.87
CA PRO A 29 -12.17 -46.41 15.59
C PRO A 29 -13.01 -45.40 14.85
N VAL A 30 -12.35 -44.41 14.25
CA VAL A 30 -13.07 -43.33 13.60
C VAL A 30 -13.87 -43.87 12.43
N THR A 31 -14.99 -43.21 12.15
CA THR A 31 -15.82 -43.52 11.00
C THR A 31 -15.64 -42.45 9.94
N LEU A 32 -15.35 -42.89 8.71
CA LEU A 32 -15.17 -41.96 7.60
C LEU A 32 -16.53 -41.37 7.26
N CYS A 33 -16.79 -40.15 7.74
CA CYS A 33 -18.08 -39.53 7.53
C CYS A 33 -18.36 -39.34 6.04
N SER A 34 -19.65 -39.32 5.70
CA SER A 34 -20.04 -39.15 4.31
C SER A 34 -19.56 -37.80 3.78
N ASP A 35 -19.23 -37.78 2.49
CA ASP A 35 -18.77 -36.55 1.85
C ASP A 35 -19.77 -35.41 1.97
N LEU A 36 -21.00 -35.69 2.43
CA LEU A 36 -21.98 -34.63 2.62
C LEU A 36 -21.42 -33.52 3.51
N GLU A 37 -21.00 -33.87 4.72
CA GLU A 37 -20.46 -32.88 5.64
C GLU A 37 -19.01 -32.54 5.34
N SER A 38 -18.42 -33.15 4.32
CA SER A 38 -17.03 -32.86 3.99
C SER A 38 -16.82 -31.38 3.72
N HIS A 39 -17.83 -30.71 3.16
CA HIS A 39 -17.74 -29.29 2.89
C HIS A 39 -18.79 -28.47 3.64
N SER A 40 -19.71 -29.12 4.35
CA SER A 40 -20.64 -28.39 5.19
C SER A 40 -19.98 -27.85 6.45
N THR A 41 -18.76 -28.27 6.74
CA THR A 41 -18.03 -27.84 7.93
C THR A 41 -16.95 -26.82 7.63
N GLU A 42 -16.39 -26.85 6.42
CA GLU A 42 -15.24 -26.01 6.07
C GLU A 42 -15.41 -24.58 6.55
N ALA A 43 -16.66 -24.09 6.58
CA ALA A 43 -16.91 -22.78 7.15
C ALA A 43 -16.61 -22.77 8.65
N VAL A 44 -17.19 -23.73 9.38
CA VAL A 44 -16.93 -23.82 10.81
C VAL A 44 -15.46 -24.07 11.06
N LEU A 45 -14.83 -24.90 10.23
CA LEU A 45 -13.41 -25.15 10.39
C LEU A 45 -12.60 -23.88 10.21
N GLY A 46 -12.93 -23.09 9.19
CA GLY A 46 -12.21 -21.83 8.99
C GLY A 46 -12.38 -20.87 10.15
N ASP A 47 -13.60 -20.73 10.65
CA ASP A 47 -13.82 -19.82 11.78
C ASP A 47 -13.06 -20.29 13.02
N ALA A 48 -13.08 -21.60 13.27
CA ALA A 48 -12.34 -22.14 14.41
C ALA A 48 -10.85 -21.91 14.23
N LEU A 49 -10.35 -22.08 13.00
CA LEU A 49 -8.93 -21.83 12.73
C LEU A 49 -8.58 -20.38 13.04
N VAL A 50 -9.43 -19.45 12.61
CA VAL A 50 -9.14 -18.04 12.86
C VAL A 50 -9.12 -17.74 14.36
N ASP A 51 -10.11 -18.27 15.08
CA ASP A 51 -10.15 -18.05 16.53
C ASP A 51 -8.91 -18.62 17.20
N PHE A 52 -8.55 -19.86 16.84
CA PHE A 52 -7.37 -20.49 17.40
C PHE A 52 -6.11 -19.72 17.05
N SER A 53 -6.03 -19.20 15.84
CA SER A 53 -4.85 -18.44 15.44
C SER A 53 -4.71 -17.19 16.29
N LEU A 54 -5.82 -16.51 16.56
CA LEU A 54 -5.76 -15.34 17.43
C LEU A 54 -5.29 -15.73 18.83
N LYS A 55 -5.89 -16.78 19.39
CA LYS A 55 -5.50 -17.21 20.74
C LYS A 55 -4.02 -17.55 20.80
N LEU A 56 -3.55 -18.33 19.84
CA LEU A 56 -2.16 -18.78 19.83
C LEU A 56 -1.22 -17.60 19.60
N TYR A 57 -1.62 -16.65 18.76
CA TYR A 57 -0.82 -15.45 18.60
C TYR A 57 -0.68 -14.71 19.92
N HIS A 58 -1.77 -14.59 20.67
CA HIS A 58 -1.67 -13.90 21.95
C HIS A 58 -0.71 -14.64 22.88
N ALA A 59 -0.82 -15.98 22.92
CA ALA A 59 0.10 -16.75 23.75
C ALA A 59 1.56 -16.52 23.32
N PHE A 60 1.83 -16.59 22.01
CA PHE A 60 3.19 -16.40 21.52
C PHE A 60 3.72 -15.01 21.88
N SER A 61 2.94 -13.98 21.55
CA SER A 61 3.36 -12.62 21.88
C SER A 61 3.61 -12.48 23.37
N ALA A 62 2.90 -13.25 24.20
CA ALA A 62 3.26 -13.33 25.60
C ALA A 62 4.65 -13.90 25.79
N MET A 63 4.87 -15.14 25.33
CA MET A 63 6.09 -15.86 25.66
C MET A 63 7.32 -15.17 25.09
N LYS A 64 7.26 -14.74 23.83
CA LYS A 64 8.44 -14.17 23.19
C LYS A 64 8.81 -12.84 23.84
N LYS A 65 9.98 -12.34 23.46
CA LYS A 65 10.45 -11.05 23.95
C LYS A 65 9.73 -9.92 23.23
N VAL A 66 9.85 -8.71 23.79
CA VAL A 66 8.97 -7.61 23.38
C VAL A 66 9.23 -7.24 21.92
N GLU A 67 10.44 -6.78 21.62
CA GLU A 67 10.75 -6.34 20.26
C GLU A 67 11.48 -7.45 19.50
N THR A 68 10.74 -8.55 19.30
CA THR A 68 11.26 -9.73 18.63
C THR A 68 10.25 -10.17 17.58
N ASN A 69 10.62 -10.02 16.31
CA ASN A 69 9.74 -10.49 15.24
C ASN A 69 9.56 -12.00 15.34
N MET A 70 8.35 -12.47 15.08
CA MET A 70 8.04 -13.88 15.21
C MET A 70 7.14 -14.33 14.07
N ALA A 71 7.13 -15.63 13.83
CA ALA A 71 6.26 -16.23 12.84
C ALA A 71 5.84 -17.61 13.34
N PHE A 72 4.60 -18.00 13.03
CA PHE A 72 4.11 -19.32 13.40
C PHE A 72 3.00 -19.70 12.44
N SER A 73 2.63 -20.97 12.48
CA SER A 73 1.71 -21.56 11.50
C SER A 73 0.54 -22.19 12.23
N PRO A 74 -0.47 -21.40 12.58
CA PRO A 74 -1.66 -21.98 13.22
C PRO A 74 -2.21 -23.17 12.47
N PHE A 75 -2.01 -23.22 11.15
CA PHE A 75 -2.41 -24.39 10.39
C PHE A 75 -1.69 -25.65 10.87
N SER A 76 -0.36 -25.57 10.98
CA SER A 76 0.41 -26.75 11.37
C SER A 76 0.17 -27.12 12.82
N ILE A 77 0.13 -26.13 13.71
CA ILE A 77 -0.19 -26.42 15.11
C ILE A 77 -1.55 -27.08 15.21
N ALA A 78 -2.53 -26.55 14.48
CA ALA A 78 -3.86 -27.14 14.49
C ALA A 78 -3.83 -28.58 14.01
N SER A 79 -3.09 -28.83 12.93
CA SER A 79 -3.03 -30.19 12.39
C SER A 79 -2.42 -31.15 13.40
N LEU A 80 -1.30 -30.77 14.02
CA LEU A 80 -0.66 -31.64 14.99
C LEU A 80 -1.55 -31.87 16.20
N LEU A 81 -2.21 -30.82 16.68
CA LEU A 81 -3.12 -31.00 17.81
C LEU A 81 -4.31 -31.86 17.44
N THR A 82 -4.78 -31.79 16.18
CA THR A 82 -5.83 -32.70 15.73
C THR A 82 -5.33 -34.14 15.74
N GLN A 83 -4.09 -34.35 15.31
CA GLN A 83 -3.50 -35.68 15.43
C GLN A 83 -3.58 -36.16 16.87
N VAL A 84 -3.14 -35.33 17.80
CA VAL A 84 -3.21 -35.70 19.21
C VAL A 84 -4.64 -36.05 19.60
N LEU A 85 -5.59 -35.18 19.22
CA LEU A 85 -6.98 -35.43 19.54
C LEU A 85 -7.43 -36.79 19.05
N LEU A 86 -7.20 -37.07 17.76
CA LEU A 86 -7.52 -38.39 17.23
C LEU A 86 -6.89 -39.48 18.08
N GLY A 87 -5.71 -39.21 18.64
CA GLY A 87 -5.16 -40.10 19.63
C GLY A 87 -5.53 -39.77 21.05
N ALA A 88 -6.38 -38.76 21.25
CA ALA A 88 -6.69 -38.28 22.58
C ALA A 88 -7.63 -39.23 23.31
N GLY A 89 -7.73 -39.02 24.63
CA GLY A 89 -8.64 -39.76 25.47
C GLY A 89 -10.01 -39.11 25.53
N GLU A 90 -10.51 -38.84 26.73
CA GLU A 90 -11.80 -38.18 26.91
C GLU A 90 -11.68 -36.80 27.53
N ASN A 91 -11.08 -36.69 28.72
CA ASN A 91 -10.97 -35.38 29.36
C ASN A 91 -10.03 -34.48 28.57
N THR A 92 -8.83 -34.96 28.26
CA THR A 92 -7.94 -34.20 27.39
C THR A 92 -8.57 -33.97 26.03
N LYS A 93 -9.33 -34.95 25.54
CA LYS A 93 -10.09 -34.76 24.33
C LYS A 93 -10.89 -33.47 24.40
N THR A 94 -11.73 -33.34 25.43
CA THR A 94 -12.57 -32.16 25.57
C THR A 94 -11.74 -30.89 25.73
N ASN A 95 -10.68 -30.95 26.54
CA ASN A 95 -9.87 -29.76 26.77
C ASN A 95 -9.27 -29.26 25.46
N LEU A 96 -8.60 -30.13 24.72
CA LEU A 96 -8.01 -29.72 23.46
C LEU A 96 -9.08 -29.33 22.44
N GLU A 97 -10.25 -29.96 22.50
CA GLU A 97 -11.35 -29.58 21.63
C GLU A 97 -11.73 -28.13 21.86
N SER A 98 -11.89 -27.75 23.12
CA SER A 98 -12.18 -26.36 23.45
C SER A 98 -11.05 -25.45 23.01
N ILE A 99 -9.79 -25.87 23.23
CA ILE A 99 -8.66 -25.03 22.89
C ILE A 99 -8.64 -24.72 21.40
N LEU A 100 -8.85 -25.75 20.57
CA LEU A 100 -8.94 -25.53 19.13
C LEU A 100 -10.23 -24.86 18.72
N SER A 101 -11.19 -24.73 19.63
CA SER A 101 -12.49 -24.11 19.32
C SER A 101 -13.21 -24.90 18.24
N TYR A 102 -13.48 -26.17 18.55
CA TYR A 102 -14.17 -27.07 17.65
C TYR A 102 -15.53 -27.46 18.22
N PRO A 103 -16.50 -27.72 17.36
CA PRO A 103 -17.79 -28.27 17.83
C PRO A 103 -17.67 -29.75 18.15
N LYS A 104 -18.57 -30.19 19.03
CA LYS A 104 -18.53 -31.57 19.50
C LYS A 104 -18.96 -32.51 18.39
N ASP A 105 -18.30 -33.67 18.31
CA ASP A 105 -18.51 -34.62 17.22
C ASP A 105 -18.04 -34.07 15.88
N PHE A 106 -17.00 -33.23 15.92
CA PHE A 106 -16.47 -32.60 14.71
C PHE A 106 -15.55 -33.57 13.98
N THR A 107 -16.11 -34.75 13.67
CA THR A 107 -15.31 -35.85 13.13
C THR A 107 -14.64 -35.46 11.82
N CYS A 108 -15.44 -35.12 10.80
CA CYS A 108 -14.89 -34.89 9.47
C CYS A 108 -13.73 -33.90 9.49
N VAL A 109 -13.57 -33.15 10.58
CA VAL A 109 -12.46 -32.22 10.73
C VAL A 109 -11.19 -32.88 10.24
N HIS A 110 -10.98 -34.14 10.62
CA HIS A 110 -9.76 -34.82 10.21
C HIS A 110 -9.68 -34.78 8.69
N GLN A 111 -10.62 -35.47 8.04
CA GLN A 111 -10.70 -35.35 6.59
C GLN A 111 -10.79 -33.89 6.18
N ALA A 112 -11.57 -33.11 6.92
CA ALA A 112 -11.69 -31.69 6.64
C ALA A 112 -10.32 -31.03 6.61
N LEU A 113 -9.51 -31.28 7.65
CA LEU A 113 -8.17 -30.70 7.67
C LEU A 113 -7.42 -31.03 6.39
N LYS A 114 -7.54 -32.27 5.92
CA LYS A 114 -6.85 -32.66 4.70
C LYS A 114 -7.22 -31.76 3.55
N GLY A 115 -8.51 -31.40 3.44
CA GLY A 115 -8.92 -30.49 2.39
C GLY A 115 -8.19 -29.17 2.44
N PHE A 116 -7.98 -28.65 3.65
CA PHE A 116 -7.30 -27.37 3.79
C PHE A 116 -5.84 -27.43 3.36
N THR A 117 -5.22 -28.60 3.38
CA THR A 117 -3.80 -28.69 3.08
C THR A 117 -3.50 -28.11 1.71
N THR A 118 -2.78 -26.98 1.69
CA THR A 118 -2.49 -26.27 0.45
C THR A 118 -1.12 -26.66 -0.08
N LYS A 119 -0.93 -26.42 -1.38
CA LYS A 119 0.32 -26.76 -2.04
C LYS A 119 1.39 -25.69 -1.91
N GLY A 120 1.03 -24.49 -1.43
CA GLY A 120 2.01 -23.41 -1.37
C GLY A 120 2.95 -23.46 -0.20
N VAL A 121 2.57 -24.15 0.87
CA VAL A 121 3.38 -24.25 2.08
C VAL A 121 3.55 -25.72 2.41
N THR A 122 4.80 -26.15 2.59
CA THR A 122 5.09 -27.56 2.84
C THR A 122 5.25 -27.79 4.33
N SER A 123 4.53 -28.78 4.85
CA SER A 123 4.49 -29.07 6.27
C SER A 123 4.97 -30.49 6.54
N VAL A 124 5.49 -30.70 7.74
CA VAL A 124 5.96 -32.00 8.20
C VAL A 124 5.58 -32.11 9.66
N SER A 125 4.63 -32.98 9.97
CA SER A 125 4.21 -33.26 11.33
C SER A 125 4.40 -34.73 11.62
N GLN A 126 4.88 -35.04 12.82
CA GLN A 126 5.26 -36.41 13.12
C GLN A 126 5.21 -36.64 14.61
N ILE A 127 5.15 -37.92 14.98
CA ILE A 127 5.15 -38.35 16.37
C ILE A 127 6.23 -39.41 16.54
N PHE A 128 7.07 -39.23 17.56
CA PHE A 128 8.10 -40.20 17.89
C PHE A 128 7.87 -40.70 19.31
N HIS A 129 8.37 -41.89 19.58
CA HIS A 129 8.20 -42.47 20.90
C HIS A 129 9.31 -43.47 21.17
N SER A 130 9.46 -43.82 22.44
CA SER A 130 10.45 -44.82 22.81
C SER A 130 10.07 -46.18 22.24
N PRO A 131 11.03 -46.96 21.77
CA PRO A 131 10.68 -48.30 21.28
C PRO A 131 9.98 -49.14 22.33
N ASP A 132 10.25 -48.88 23.61
CA ASP A 132 9.47 -49.52 24.66
C ASP A 132 7.99 -49.18 24.54
N LEU A 133 7.69 -47.92 24.26
CA LEU A 133 6.29 -47.49 24.20
C LEU A 133 5.54 -48.25 23.13
N ALA A 134 4.28 -48.58 23.44
CA ALA A 134 3.42 -49.37 22.55
C ALA A 134 2.34 -48.47 21.96
N ILE A 135 2.13 -48.60 20.65
CA ILE A 135 1.17 -47.77 19.92
C ILE A 135 0.08 -48.68 19.37
N ARG A 136 -1.18 -48.36 19.72
CA ARG A 136 -2.30 -49.15 19.24
C ARG A 136 -2.34 -49.18 17.71
N ASP A 137 -2.54 -50.36 17.15
CA ASP A 137 -2.56 -50.49 15.70
C ASP A 137 -3.70 -49.70 15.08
N THR A 138 -4.83 -49.59 15.79
CA THR A 138 -5.96 -48.84 15.26
C THR A 138 -5.54 -47.42 14.92
N PHE A 139 -4.93 -46.73 15.88
CA PHE A 139 -4.47 -45.37 15.64
C PHE A 139 -3.45 -45.34 14.51
N VAL A 140 -2.52 -46.28 14.50
CA VAL A 140 -1.48 -46.28 13.47
C VAL A 140 -2.11 -46.32 12.09
N ASN A 141 -3.01 -47.28 11.87
CA ASN A 141 -3.62 -47.43 10.55
C ASN A 141 -4.48 -46.22 10.21
N ALA A 142 -5.28 -45.72 11.17
CA ALA A 142 -6.15 -44.60 10.88
C ALA A 142 -5.35 -43.37 10.50
N SER A 143 -4.29 -43.07 11.26
CA SER A 143 -3.45 -41.93 10.96
C SER A 143 -2.75 -42.10 9.62
N ARG A 144 -2.25 -43.31 9.34
CA ARG A 144 -1.63 -43.54 8.05
C ARG A 144 -2.61 -43.28 6.91
N THR A 145 -3.85 -43.69 7.09
CA THR A 145 -4.87 -43.47 6.07
C THR A 145 -5.13 -41.97 5.88
N LEU A 146 -5.38 -41.26 6.97
CA LEU A 146 -5.76 -39.86 6.87
C LEU A 146 -4.54 -38.96 6.71
N TYR A 147 -3.65 -38.97 7.70
CA TYR A 147 -2.47 -38.12 7.69
C TYR A 147 -1.30 -38.71 6.92
N SER A 148 -1.50 -39.86 6.28
CA SER A 148 -0.51 -40.44 5.38
C SER A 148 0.85 -40.63 6.07
N SER A 149 0.84 -40.80 7.38
CA SER A 149 2.07 -41.04 8.11
C SER A 149 1.73 -41.73 9.41
N SER A 150 2.74 -42.38 10.01
CA SER A 150 2.54 -43.15 11.22
C SER A 150 3.57 -42.77 12.26
N PRO A 151 3.25 -42.92 13.53
CA PRO A 151 4.22 -42.59 14.58
C PRO A 151 5.55 -43.30 14.40
N ARG A 152 6.61 -42.53 14.19
CA ARG A 152 7.95 -43.09 14.16
C ARG A 152 8.36 -43.57 15.55
N VAL A 153 9.16 -44.64 15.58
CA VAL A 153 9.62 -45.24 16.83
C VAL A 153 11.07 -44.87 17.05
N LEU A 154 11.39 -44.44 18.26
CA LEU A 154 12.74 -44.02 18.60
C LEU A 154 13.64 -45.24 18.81
N SER A 155 14.94 -44.97 18.87
CA SER A 155 15.92 -46.01 19.16
C SER A 155 15.92 -46.33 20.65
N ASN A 156 16.73 -47.32 21.05
CA ASN A 156 16.78 -47.69 22.46
C ASN A 156 17.31 -46.54 23.31
N ASN A 157 18.34 -45.84 22.84
CA ASN A 157 18.88 -44.71 23.58
C ASN A 157 18.22 -43.42 23.11
N SER A 158 18.76 -42.29 23.55
CA SER A 158 18.16 -40.98 23.27
C SER A 158 19.04 -40.09 22.42
N ASP A 159 20.31 -39.89 22.80
CA ASP A 159 21.21 -39.03 22.05
C ASP A 159 21.14 -39.33 20.56
N ALA A 160 21.45 -40.57 20.17
CA ALA A 160 21.28 -40.96 18.78
C ALA A 160 19.85 -40.75 18.33
N ASN A 161 18.90 -40.86 19.25
CA ASN A 161 17.50 -40.61 18.90
C ASN A 161 17.30 -39.15 18.50
N LEU A 162 17.91 -38.22 19.24
CA LEU A 162 17.83 -36.81 18.86
C LEU A 162 18.50 -36.58 17.50
N GLU A 163 19.66 -37.21 17.30
CA GLU A 163 20.32 -37.14 15.99
C GLU A 163 19.36 -37.56 14.89
N LEU A 164 18.68 -38.70 15.09
CA LEU A 164 17.74 -39.20 14.10
C LEU A 164 16.58 -38.23 13.89
N ILE A 165 16.05 -37.68 14.98
CA ILE A 165 14.98 -36.68 14.88
C ILE A 165 15.40 -35.57 13.93
N ASN A 166 16.53 -34.94 14.24
CA ASN A 166 16.99 -33.81 13.44
C ASN A 166 17.22 -34.22 11.98
N THR A 167 17.87 -35.36 11.77
CA THR A 167 18.17 -35.79 10.40
C THR A 167 16.89 -36.04 9.61
N TRP A 168 15.93 -36.74 10.22
CA TRP A 168 14.68 -37.04 9.54
C TRP A 168 13.94 -35.76 9.17
N VAL A 169 13.78 -34.86 10.13
CA VAL A 169 13.06 -33.62 9.84
C VAL A 169 13.78 -32.83 8.76
N ALA A 170 15.12 -32.76 8.84
CA ALA A 170 15.88 -31.99 7.87
C ALA A 170 15.72 -32.56 6.46
N LYS A 171 15.79 -33.88 6.33
CA LYS A 171 15.74 -34.46 4.99
C LYS A 171 14.33 -34.61 4.47
N ASN A 172 13.31 -34.42 5.31
CA ASN A 172 11.93 -34.49 4.86
C ASN A 172 11.32 -33.12 4.59
N THR A 173 12.10 -32.05 4.69
CA THR A 173 11.63 -30.70 4.39
C THR A 173 12.55 -30.06 3.37
N ASN A 174 13.09 -30.86 2.46
CA ASN A 174 14.03 -30.37 1.44
C ASN A 174 15.18 -29.61 2.09
N ASN A 175 15.58 -30.03 3.29
CA ASN A 175 16.72 -29.49 4.02
C ASN A 175 16.49 -28.05 4.49
N LYS A 176 15.26 -27.53 4.37
CA LYS A 176 15.01 -26.16 4.81
C LYS A 176 15.19 -26.02 6.31
N ILE A 177 14.56 -26.91 7.08
CA ILE A 177 14.70 -26.92 8.54
C ILE A 177 15.97 -27.72 8.84
N SER A 178 17.08 -27.02 9.06
CA SER A 178 18.36 -27.70 9.22
C SER A 178 18.44 -28.39 10.59
N ARG A 179 18.42 -27.60 11.66
CA ARG A 179 18.57 -28.10 13.02
C ARG A 179 17.29 -27.79 13.78
N LEU A 180 16.29 -28.66 13.63
CA LEU A 180 14.99 -28.45 14.26
C LEU A 180 15.05 -28.47 15.78
N LEU A 181 15.41 -29.62 16.34
CA LEU A 181 15.32 -29.85 17.78
C LEU A 181 16.70 -30.15 18.33
N ASP A 182 17.09 -29.44 19.38
CA ASP A 182 18.38 -29.64 20.03
C ASP A 182 18.26 -29.98 21.51
N SER A 183 17.45 -29.23 22.25
CA SER A 183 17.39 -29.42 23.70
C SER A 183 16.48 -30.57 24.09
N LEU A 184 16.71 -31.74 23.51
CA LEU A 184 15.85 -32.88 23.84
C LEU A 184 16.12 -33.33 25.27
N PRO A 185 15.09 -33.71 26.01
CA PRO A 185 15.29 -34.16 27.39
C PRO A 185 16.06 -35.47 27.45
N SER A 186 16.67 -35.70 28.62
CA SER A 186 17.39 -36.95 28.83
C SER A 186 16.45 -38.14 28.73
N ASP A 187 15.34 -38.10 29.48
CA ASP A 187 14.31 -39.12 29.40
C ASP A 187 13.19 -38.59 28.51
N THR A 188 12.76 -39.43 27.55
CA THR A 188 11.76 -39.03 26.56
C THR A 188 10.84 -40.21 26.27
N ARG A 189 9.74 -40.29 27.00
CA ARG A 189 8.75 -41.33 26.72
C ARG A 189 8.04 -41.09 25.40
N LEU A 190 7.64 -39.85 25.15
CA LEU A 190 6.91 -39.51 23.93
C LEU A 190 7.33 -38.14 23.44
N VAL A 191 7.21 -37.93 22.14
CA VAL A 191 7.52 -36.64 21.53
C VAL A 191 6.57 -36.40 20.36
N LEU A 192 6.06 -35.17 20.29
CA LEU A 192 5.43 -34.65 19.09
C LEU A 192 6.44 -33.79 18.35
N LEU A 193 6.16 -33.49 17.09
CA LEU A 193 7.07 -32.63 16.36
C LEU A 193 6.37 -32.11 15.11
N ASN A 194 6.76 -30.90 14.70
CA ASN A 194 6.11 -30.25 13.58
C ASN A 194 7.00 -29.13 13.07
N ALA A 195 6.95 -28.91 11.76
CA ALA A 195 7.72 -27.84 11.15
C ALA A 195 7.21 -27.62 9.74
N ILE A 196 7.09 -26.35 9.35
CA ILE A 196 6.52 -25.98 8.06
C ILE A 196 7.32 -24.82 7.48
N TYR A 197 7.39 -24.78 6.16
CA TYR A 197 8.01 -23.64 5.50
C TYR A 197 7.22 -23.29 4.25
N LEU A 198 7.07 -22.00 4.02
CA LEU A 198 6.30 -21.50 2.89
C LEU A 198 7.08 -21.69 1.59
N SER A 199 6.38 -22.16 0.56
CA SER A 199 6.97 -22.38 -0.75
C SER A 199 6.39 -21.50 -1.83
N ALA A 200 5.23 -20.90 -1.62
CA ALA A 200 4.65 -20.01 -2.62
C ALA A 200 5.47 -18.73 -2.72
N LYS A 201 5.38 -18.09 -3.88
CA LYS A 201 6.17 -16.91 -4.18
C LYS A 201 5.26 -15.77 -4.62
N TRP A 202 5.85 -14.62 -4.84
CA TRP A 202 5.10 -13.45 -5.27
C TRP A 202 4.44 -13.71 -6.61
N LYS A 203 3.12 -13.53 -6.67
CA LYS A 203 2.43 -13.71 -7.95
C LYS A 203 2.88 -12.70 -8.98
N THR A 204 3.52 -11.61 -8.55
CA THR A 204 4.01 -10.57 -9.45
C THR A 204 5.45 -10.28 -9.06
N THR A 205 6.39 -10.57 -9.95
CA THR A 205 7.79 -10.43 -9.63
C THR A 205 8.12 -9.00 -9.23
N PHE A 206 8.80 -8.86 -8.09
CA PHE A 206 9.39 -7.59 -7.72
C PHE A 206 10.72 -7.42 -8.45
N ASP A 207 11.06 -6.18 -8.76
CA ASP A 207 12.36 -5.92 -9.34
C ASP A 207 13.45 -6.06 -8.30
N PRO A 208 14.57 -6.70 -8.63
CA PRO A 208 15.72 -6.68 -7.71
C PRO A 208 16.32 -5.29 -7.61
N LYS A 209 16.58 -4.68 -8.76
CA LYS A 209 17.27 -3.39 -8.78
C LYS A 209 16.54 -2.35 -7.94
N LYS A 210 15.20 -2.36 -7.98
CA LYS A 210 14.44 -1.38 -7.22
C LYS A 210 14.73 -1.46 -5.73
N THR A 211 15.22 -2.60 -5.24
CA THR A 211 15.50 -2.73 -3.83
C THR A 211 16.50 -1.65 -3.42
N ARG A 212 16.16 -0.92 -2.36
CA ARG A 212 16.94 0.23 -1.93
C ARG A 212 17.00 0.26 -0.41
N MET A 213 17.96 1.02 0.09
CA MET A 213 18.06 1.27 1.52
C MET A 213 17.11 2.39 1.87
N GLU A 214 16.31 2.20 2.91
CA GLU A 214 15.33 3.22 3.26
C GLU A 214 15.16 3.30 4.77
N PRO A 215 14.41 4.28 5.27
CA PRO A 215 14.27 4.44 6.71
C PRO A 215 13.18 3.56 7.31
N PHE A 216 13.55 2.79 8.33
CA PHE A 216 12.61 2.00 9.11
C PHE A 216 12.68 2.45 10.56
N HIS A 217 11.52 2.46 11.22
CA HIS A 217 11.37 3.01 12.57
C HIS A 217 10.99 1.88 13.54
N PHE A 218 12.00 1.19 14.06
CA PHE A 218 11.76 0.27 15.16
C PHE A 218 11.56 1.03 16.47
N LYS A 219 12.34 2.10 16.65
CA LYS A 219 12.22 3.01 17.78
C LYS A 219 12.65 4.38 17.30
N ASN A 220 13.01 5.28 18.23
CA ASN A 220 13.40 6.63 17.83
C ASN A 220 14.45 6.60 16.74
N SER A 221 15.43 5.71 16.85
CA SER A 221 16.43 5.56 15.81
C SER A 221 15.77 5.12 14.50
N VAL A 222 16.31 5.61 13.39
CA VAL A 222 15.83 5.26 12.06
C VAL A 222 16.95 4.51 11.36
N ILE A 223 16.66 3.31 10.89
CA ILE A 223 17.68 2.45 10.30
C ILE A 223 17.51 2.42 8.78
N LYS A 224 18.59 2.07 8.10
CA LYS A 224 18.61 1.94 6.65
C LYS A 224 18.48 0.46 6.32
N VAL A 225 17.32 0.07 5.80
CA VAL A 225 17.02 -1.34 5.58
C VAL A 225 16.71 -1.57 4.11
N PRO A 226 17.06 -2.74 3.56
CA PRO A 226 16.67 -3.05 2.19
C PRO A 226 15.16 -3.18 2.07
N MET A 227 14.63 -2.71 0.94
CA MET A 227 13.21 -2.86 0.66
C MET A 227 13.02 -2.90 -0.84
N MET A 228 12.16 -3.80 -1.30
CA MET A 228 11.83 -3.85 -2.72
C MET A 228 10.66 -2.93 -3.04
N ASN A 229 10.65 -2.47 -4.29
CA ASN A 229 9.72 -1.45 -4.76
C ASN A 229 9.04 -1.92 -6.03
N SER A 230 7.76 -1.62 -6.15
CA SER A 230 6.97 -1.92 -7.34
C SER A 230 6.24 -0.66 -7.77
N LYS A 231 6.38 -0.30 -9.05
CA LYS A 231 5.73 0.91 -9.53
C LYS A 231 4.21 0.80 -9.42
N LYS A 232 3.64 -0.27 -9.94
CA LYS A 232 2.20 -0.41 -10.03
C LYS A 232 1.77 -1.80 -9.57
N TYR A 233 2.33 -2.24 -8.45
CA TYR A 233 2.01 -3.57 -7.94
C TYR A 233 0.56 -3.62 -7.48
N PRO A 234 -0.22 -4.59 -7.93
CA PRO A 234 -1.64 -4.60 -7.55
C PRO A 234 -1.84 -4.97 -6.10
N VAL A 235 -2.17 -3.99 -5.28
CA VAL A 235 -2.42 -4.17 -3.86
C VAL A 235 -3.90 -4.01 -3.60
N ALA A 236 -4.33 -4.49 -2.44
CA ALA A 236 -5.70 -4.28 -1.98
C ALA A 236 -5.61 -3.61 -0.62
N HIS A 237 -5.83 -2.30 -0.58
CA HIS A 237 -5.52 -1.51 0.60
C HIS A 237 -6.75 -0.82 1.13
N PHE A 238 -6.78 -0.59 2.43
CA PHE A 238 -7.79 0.25 3.05
C PHE A 238 -7.38 0.51 4.49
N ILE A 239 -8.22 1.22 5.23
CA ILE A 239 -7.96 1.59 6.62
C ILE A 239 -9.10 1.08 7.46
N ASP A 240 -8.77 0.31 8.51
CA ASP A 240 -9.74 -0.12 9.50
C ASP A 240 -9.64 0.82 10.69
N GLN A 241 -10.72 1.55 10.95
CA GLN A 241 -10.68 2.59 11.99
C GLN A 241 -10.62 1.99 13.38
N THR A 242 -11.46 0.99 13.66
CA THR A 242 -11.51 0.39 14.98
C THR A 242 -10.11 0.13 15.53
N LEU A 243 -9.35 -0.72 14.83
CA LEU A 243 -7.96 -0.93 15.20
C LEU A 243 -7.09 0.27 14.87
N LYS A 244 -7.62 1.25 14.13
CA LYS A 244 -6.84 2.41 13.71
C LYS A 244 -5.56 1.97 13.00
N ALA A 245 -5.76 1.19 11.94
CA ALA A 245 -4.64 0.59 11.22
C ALA A 245 -4.90 0.67 9.72
N LYS A 246 -3.83 0.54 8.95
CA LYS A 246 -3.90 0.44 7.50
C LYS A 246 -3.62 -1.02 7.14
N VAL A 247 -4.51 -1.62 6.38
CA VAL A 247 -4.38 -3.01 5.97
C VAL A 247 -4.11 -3.07 4.48
N GLY A 248 -3.05 -3.79 4.11
CA GLY A 248 -2.69 -3.99 2.73
C GLY A 248 -2.55 -5.46 2.39
N GLN A 249 -3.19 -5.89 1.32
CA GLN A 249 -3.20 -7.29 0.91
C GLN A 249 -2.44 -7.43 -0.38
N LEU A 250 -1.53 -8.40 -0.42
CA LEU A 250 -0.68 -8.67 -1.58
C LEU A 250 -0.95 -10.09 -2.05
N GLN A 251 -0.71 -10.34 -3.33
CA GLN A 251 -1.01 -11.63 -3.93
C GLN A 251 0.24 -12.50 -3.97
N LEU A 252 0.02 -13.81 -3.90
CA LEU A 252 1.10 -14.78 -3.96
C LEU A 252 0.79 -15.83 -5.01
N SER A 253 1.57 -16.88 -5.08
CA SER A 253 1.24 -18.02 -5.91
C SER A 253 0.21 -18.88 -5.19
N HIS A 254 -0.15 -20.01 -5.78
CA HIS A 254 -0.90 -21.06 -5.09
C HIS A 254 -2.13 -20.52 -4.37
N ASN A 255 -2.68 -19.39 -4.84
CA ASN A 255 -3.91 -18.85 -4.26
C ASN A 255 -3.71 -18.49 -2.79
N LEU A 256 -2.73 -17.63 -2.55
CA LEU A 256 -2.39 -17.18 -1.20
C LEU A 256 -2.27 -15.67 -1.18
N SER A 257 -2.60 -15.08 -0.03
CA SER A 257 -2.62 -13.64 0.11
C SER A 257 -1.89 -13.23 1.38
N LEU A 258 -0.98 -12.27 1.26
CA LEU A 258 -0.23 -11.76 2.40
C LEU A 258 -0.91 -10.49 2.89
N VAL A 259 -1.56 -10.56 4.03
CA VAL A 259 -2.18 -9.41 4.67
C VAL A 259 -1.19 -8.80 5.63
N ILE A 260 -0.98 -7.49 5.53
CA ILE A 260 -0.08 -6.77 6.42
C ILE A 260 -0.85 -5.63 7.05
N LEU A 261 -0.84 -5.57 8.38
CA LEU A 261 -1.48 -4.51 9.15
C LEU A 261 -0.39 -3.62 9.72
N VAL A 262 -0.47 -2.33 9.41
CA VAL A 262 0.51 -1.35 9.87
C VAL A 262 -0.21 -0.31 10.71
N PRO A 263 0.41 0.24 11.75
CA PRO A 263 -0.24 1.29 12.52
C PRO A 263 -0.52 2.50 11.64
N GLN A 264 -1.60 3.21 11.97
CA GLN A 264 -2.03 4.33 11.13
C GLN A 264 -0.89 5.33 10.93
N ASN A 265 -0.17 5.66 12.00
CA ASN A 265 0.94 6.61 11.91
C ASN A 265 2.21 6.01 12.48
N LEU A 266 3.25 6.84 12.63
CA LEU A 266 4.47 6.39 13.28
C LEU A 266 4.35 6.38 14.80
N LYS A 267 3.23 6.87 15.33
CA LYS A 267 3.08 6.94 16.78
C LYS A 267 2.42 5.68 17.33
N HIS A 268 1.39 5.19 16.65
CA HIS A 268 0.64 4.04 17.15
C HIS A 268 1.55 2.82 17.28
N ARG A 269 1.83 2.40 18.51
CA ARG A 269 2.75 1.30 18.73
C ARG A 269 2.11 -0.02 18.35
N LEU A 270 2.91 -0.90 17.74
CA LEU A 270 2.38 -2.17 17.25
C LEU A 270 1.78 -2.98 18.38
N GLU A 271 2.32 -2.87 19.59
CA GLU A 271 1.68 -3.49 20.74
C GLU A 271 0.22 -3.04 20.84
N ASP A 272 -0.03 -1.76 20.56
CA ASP A 272 -1.39 -1.24 20.64
C ASP A 272 -2.31 -1.98 19.68
N MET A 273 -1.92 -2.09 18.41
CA MET A 273 -2.74 -2.79 17.44
C MET A 273 -2.91 -4.25 17.82
N GLU A 274 -1.84 -4.91 18.22
CA GLU A 274 -1.91 -6.31 18.59
C GLU A 274 -2.94 -6.52 19.70
N GLN A 275 -2.83 -5.74 20.77
CA GLN A 275 -3.75 -5.88 21.88
C GLN A 275 -5.18 -5.55 21.46
N ALA A 276 -5.34 -4.51 20.64
CA ALA A 276 -6.67 -4.12 20.19
C ALA A 276 -7.29 -5.13 19.23
N LEU A 277 -6.52 -6.09 18.74
CA LEU A 277 -7.04 -7.05 17.77
C LEU A 277 -7.92 -8.08 18.46
N SER A 278 -9.14 -8.26 17.96
CA SER A 278 -10.12 -9.17 18.51
C SER A 278 -10.70 -10.02 17.41
N PRO A 279 -11.28 -11.17 17.75
CA PRO A 279 -11.78 -12.10 16.72
C PRO A 279 -12.70 -11.42 15.71
N SER A 280 -13.78 -10.79 16.19
CA SER A 280 -14.72 -10.15 15.28
C SER A 280 -14.03 -9.06 14.47
N VAL A 281 -13.18 -8.27 15.12
CA VAL A 281 -12.42 -7.24 14.40
C VAL A 281 -11.68 -7.86 13.22
N PHE A 282 -10.88 -8.89 13.49
CA PHE A 282 -10.07 -9.49 12.45
C PHE A 282 -10.93 -10.10 11.34
N LYS A 283 -12.02 -10.77 11.72
CA LYS A 283 -12.89 -11.37 10.73
C LYS A 283 -13.47 -10.31 9.80
N ALA A 284 -13.97 -9.22 10.37
CA ALA A 284 -14.50 -8.14 9.54
C ALA A 284 -13.43 -7.57 8.64
N ILE A 285 -12.23 -7.36 9.18
CA ILE A 285 -11.13 -6.84 8.37
C ILE A 285 -10.89 -7.73 7.17
N MET A 286 -10.76 -9.04 7.43
CA MET A 286 -10.42 -9.96 6.35
C MET A 286 -11.52 -10.02 5.30
N GLU A 287 -12.78 -10.06 5.73
CA GLU A 287 -13.87 -10.10 4.77
C GLU A 287 -13.90 -8.83 3.92
N LYS A 288 -13.88 -7.66 4.58
CA LYS A 288 -13.88 -6.42 3.83
C LYS A 288 -12.72 -6.36 2.86
N LEU A 289 -11.57 -6.90 3.25
CA LEU A 289 -10.43 -6.96 2.34
C LEU A 289 -10.76 -7.83 1.14
N GLU A 290 -11.22 -9.06 1.38
CA GLU A 290 -11.45 -9.99 0.28
C GLU A 290 -12.47 -9.43 -0.71
N MET A 291 -13.43 -8.64 -0.23
CA MET A 291 -14.37 -8.02 -1.15
C MET A 291 -13.76 -6.85 -1.91
N SER A 292 -12.56 -6.41 -1.54
CA SER A 292 -11.95 -5.23 -2.14
C SER A 292 -11.44 -5.56 -3.55
N LYS A 293 -10.76 -4.57 -4.15
CA LYS A 293 -10.18 -4.71 -5.47
C LYS A 293 -8.70 -4.34 -5.41
N PHE A 294 -7.92 -4.92 -6.32
CA PHE A 294 -6.47 -4.72 -6.34
C PHE A 294 -6.12 -3.52 -7.22
N GLN A 295 -6.33 -2.34 -6.65
CA GLN A 295 -5.92 -1.12 -7.33
C GLN A 295 -4.40 -1.04 -7.41
N PRO A 296 -3.85 -0.53 -8.50
CA PRO A 296 -2.39 -0.40 -8.59
C PRO A 296 -1.85 0.44 -7.44
N THR A 297 -0.52 0.47 -7.33
CA THR A 297 0.07 1.14 -6.19
C THR A 297 1.58 1.22 -6.37
N LEU A 298 2.15 2.31 -5.85
CA LEU A 298 3.58 2.36 -5.62
C LEU A 298 3.85 1.69 -4.29
N LEU A 299 4.43 0.49 -4.34
CA LEU A 299 4.59 -0.36 -3.17
C LEU A 299 6.05 -0.39 -2.75
N THR A 300 6.30 -0.15 -1.48
CA THR A 300 7.63 -0.30 -0.90
C THR A 300 7.50 -1.21 0.31
N LEU A 301 8.31 -2.26 0.36
CA LEU A 301 8.19 -3.16 1.50
C LEU A 301 9.52 -3.85 1.76
N PRO A 302 9.88 -4.08 3.01
CA PRO A 302 11.17 -4.71 3.30
C PRO A 302 11.16 -6.20 3.06
N ARG A 303 12.34 -6.73 2.73
CA ARG A 303 12.47 -8.16 2.49
C ARG A 303 12.09 -8.94 3.74
N ILE A 304 11.08 -9.77 3.64
CA ILE A 304 10.58 -10.54 4.78
C ILE A 304 11.30 -11.87 4.82
N LYS A 305 11.96 -12.15 5.94
CA LYS A 305 12.62 -13.43 6.15
C LYS A 305 12.58 -13.72 7.65
N VAL A 306 11.59 -14.49 8.06
CA VAL A 306 11.37 -14.79 9.48
C VAL A 306 11.50 -16.28 9.69
N THR A 307 12.41 -16.68 10.57
CA THR A 307 12.51 -18.04 11.04
C THR A 307 12.18 -18.08 12.52
N THR A 308 11.57 -19.16 12.97
CA THR A 308 11.17 -19.23 14.37
C THR A 308 11.06 -20.68 14.81
N SER A 309 11.97 -21.11 15.66
CA SER A 309 11.83 -22.34 16.44
C SER A 309 11.23 -21.99 17.79
N GLN A 310 10.46 -22.92 18.35
CA GLN A 310 9.85 -22.61 19.63
C GLN A 310 9.27 -23.86 20.27
N ASP A 311 9.39 -23.94 21.59
CA ASP A 311 8.83 -25.03 22.37
C ASP A 311 7.35 -24.75 22.60
N MET A 312 6.49 -25.57 21.99
CA MET A 312 5.06 -25.39 22.18
C MET A 312 4.63 -25.64 23.61
N LEU A 313 5.44 -26.35 24.40
CA LEU A 313 5.02 -26.72 25.74
C LEU A 313 4.68 -25.49 26.58
N SER A 314 5.54 -24.48 26.56
CA SER A 314 5.24 -23.25 27.27
C SER A 314 3.94 -22.64 26.76
N ILE A 315 3.78 -22.58 25.45
CA ILE A 315 2.56 -22.00 24.87
C ILE A 315 1.34 -22.78 25.33
N MET A 316 1.42 -24.11 25.25
CA MET A 316 0.30 -24.95 25.70
C MET A 316 -0.02 -24.69 27.16
N GLU A 317 1.01 -24.48 27.99
CA GLU A 317 0.76 -24.11 29.38
C GLU A 317 0.03 -22.77 29.46
N LYS A 318 0.41 -21.82 28.62
CA LYS A 318 -0.14 -20.47 28.67
C LYS A 318 -1.47 -20.35 27.95
N LEU A 319 -2.00 -21.45 27.44
CA LEU A 319 -3.34 -21.48 26.86
C LEU A 319 -4.33 -22.24 27.73
N GLU A 320 -4.03 -22.36 29.03
CA GLU A 320 -4.91 -23.04 29.97
C GLU A 320 -4.85 -24.54 29.79
N PHE A 321 -4.16 -25.02 28.75
CA PHE A 321 -3.96 -26.44 28.58
C PHE A 321 -2.85 -26.95 29.48
N PHE A 322 -3.06 -28.11 30.07
CA PHE A 322 -2.07 -28.72 30.96
C PHE A 322 -1.84 -30.19 30.71
N ASP A 323 -2.76 -30.89 30.04
CA ASP A 323 -2.62 -32.33 29.88
C ASP A 323 -1.26 -32.70 29.30
N PHE A 324 -0.73 -31.86 28.40
CA PHE A 324 0.63 -32.05 27.93
C PHE A 324 1.63 -32.00 29.08
N SER A 325 1.25 -31.38 30.20
CA SER A 325 2.10 -31.30 31.38
C SER A 325 1.65 -32.27 32.48
N TYR A 326 0.35 -32.31 32.77
CA TYR A 326 -0.17 -33.13 33.85
C TYR A 326 -1.27 -34.07 33.32
N ASP A 327 -1.40 -35.21 33.98
CA ASP A 327 -2.51 -36.15 33.80
C ASP A 327 -2.94 -36.24 32.33
N LEU A 328 -1.97 -36.47 31.46
CA LEU A 328 -2.27 -36.66 30.04
C LEU A 328 -2.87 -38.04 29.83
N ASN A 329 -3.99 -38.09 29.11
CA ASN A 329 -4.65 -39.34 28.75
C ASN A 329 -4.69 -39.45 27.24
N LEU A 330 -4.10 -40.51 26.70
CA LEU A 330 -4.03 -40.71 25.26
C LEU A 330 -4.33 -42.16 24.91
N CYS A 331 -5.36 -42.72 25.52
CA CYS A 331 -5.73 -44.10 25.24
C CYS A 331 -5.73 -44.39 23.74
N GLY A 332 -6.40 -43.54 22.97
CA GLY A 332 -6.47 -43.71 21.53
C GLY A 332 -5.11 -43.78 20.87
N LEU A 333 -4.05 -43.52 21.63
CA LEU A 333 -2.69 -43.52 21.11
C LEU A 333 -1.80 -44.57 21.74
N THR A 334 -1.92 -44.82 23.04
CA THR A 334 -1.04 -45.75 23.72
C THR A 334 -1.81 -46.41 24.86
N GLU A 335 -1.06 -47.07 25.75
CA GLU A 335 -1.63 -47.64 26.97
C GLU A 335 -0.76 -47.39 28.19
N ASP A 336 0.32 -46.65 28.08
CA ASP A 336 1.25 -46.48 29.19
C ASP A 336 0.59 -45.70 30.31
N PRO A 337 0.56 -46.22 31.54
CA PRO A 337 -0.01 -45.44 32.65
C PRO A 337 0.72 -44.12 32.86
N ASP A 338 2.04 -44.10 32.67
CA ASP A 338 2.80 -42.86 32.72
C ASP A 338 2.87 -42.31 31.29
N LEU A 339 2.01 -41.34 31.01
CA LEU A 339 1.96 -40.73 29.68
C LEU A 339 2.25 -39.25 29.80
N GLN A 340 3.06 -38.74 28.89
CA GLN A 340 3.47 -37.34 28.92
C GLN A 340 4.25 -37.02 27.67
N VAL A 341 4.13 -35.77 27.21
CA VAL A 341 4.92 -35.30 26.09
C VAL A 341 6.28 -34.86 26.64
N SER A 342 7.34 -35.50 26.17
CA SER A 342 8.67 -35.16 26.65
C SER A 342 9.08 -33.77 26.19
N ALA A 343 8.91 -33.49 24.90
CA ALA A 343 9.22 -32.17 24.36
C ALA A 343 8.53 -32.04 23.01
N MET A 344 7.67 -31.04 22.87
CA MET A 344 6.96 -30.79 21.62
C MET A 344 7.49 -29.50 21.03
N GLN A 345 7.95 -29.58 19.79
CA GLN A 345 8.68 -28.50 19.15
C GLN A 345 7.90 -28.01 17.93
N HIS A 346 8.18 -26.78 17.52
CA HIS A 346 7.64 -26.26 16.27
C HIS A 346 8.68 -25.37 15.62
N GLN A 347 8.69 -25.36 14.30
CA GLN A 347 9.57 -24.46 13.57
C GLN A 347 8.86 -23.97 12.32
N THR A 348 9.07 -22.70 12.01
CA THR A 348 8.42 -22.05 10.88
C THR A 348 9.46 -21.23 10.12
N VAL A 349 9.36 -21.23 8.80
CA VAL A 349 10.28 -20.53 7.92
C VAL A 349 9.49 -19.76 6.89
N LEU A 350 9.80 -18.47 6.75
CA LEU A 350 9.18 -17.59 5.78
C LEU A 350 10.27 -16.79 5.09
N GLU A 351 10.26 -16.78 3.76
CA GLU A 351 11.24 -16.01 3.01
C GLU A 351 10.59 -15.54 1.71
N LEU A 352 10.50 -14.22 1.55
CA LEU A 352 9.91 -13.62 0.36
C LEU A 352 10.85 -12.55 -0.16
N THR A 353 11.10 -12.56 -1.47
CA THR A 353 12.04 -11.64 -2.09
C THR A 353 11.56 -11.34 -3.50
N GLU A 354 12.45 -10.76 -4.31
CA GLU A 354 12.13 -10.48 -5.71
C GLU A 354 11.71 -11.71 -6.49
N THR A 355 11.84 -12.90 -5.91
CA THR A 355 11.52 -14.13 -6.63
C THR A 355 10.02 -14.29 -6.78
N GLY A 356 9.41 -13.50 -7.66
CA GLY A 356 8.00 -13.65 -7.94
C GLY A 356 7.70 -14.81 -8.86
N VAL A 357 6.44 -15.24 -8.85
CA VAL A 357 6.05 -16.36 -9.70
C VAL A 357 6.24 -16.00 -11.17
N GLU A 358 6.16 -14.73 -11.50
CA GLU A 358 6.27 -14.29 -12.89
C GLU A 358 6.40 -12.79 -12.93
N ALA A 359 7.21 -12.29 -13.86
CA ALA A 359 7.35 -10.85 -14.08
C ALA A 359 6.08 -10.36 -14.77
N ALA A 360 5.20 -9.72 -14.00
CA ALA A 360 3.93 -9.23 -14.52
C ALA A 360 4.04 -7.84 -15.14
N ALA A 361 5.23 -7.26 -15.18
CA ALA A 361 5.39 -5.91 -15.70
C ALA A 361 4.71 -5.76 -17.05
N ALA A 362 4.31 -4.54 -17.36
CA ALA A 362 3.59 -4.21 -18.59
C ALA A 362 4.43 -3.25 -19.42
N SER A 363 3.85 -2.80 -20.54
CA SER A 363 4.55 -1.98 -21.52
C SER A 363 3.98 -0.57 -21.52
N ALA A 364 4.53 0.26 -22.42
CA ALA A 364 4.17 1.67 -22.48
C ALA A 364 2.70 1.88 -22.79
N ILE A 365 2.01 0.88 -23.35
CA ILE A 365 0.64 1.06 -23.81
C ILE A 365 -0.30 1.14 -22.63
N SER A 366 0.24 1.05 -21.41
CA SER A 366 -0.58 1.10 -20.21
C SER A 366 -0.97 2.54 -19.87
N VAL A 367 -2.06 2.67 -19.12
CA VAL A 367 -2.54 3.94 -18.62
C VAL A 367 -2.77 3.83 -17.13
N ALA A 368 -2.00 2.97 -16.46
CA ALA A 368 -2.38 2.48 -15.14
C ALA A 368 -2.64 3.61 -14.15
N ARG A 369 -1.68 4.53 -14.01
CA ARG A 369 -1.84 5.64 -13.08
C ARG A 369 -2.03 5.16 -11.64
N THR A 370 -0.96 4.60 -11.09
CA THR A 370 -0.93 4.15 -9.71
C THR A 370 -1.74 5.09 -8.81
N LEU A 371 -2.66 4.51 -8.04
CA LEU A 371 -3.67 5.28 -7.33
C LEU A 371 -3.25 5.62 -5.90
N LEU A 372 -3.01 4.61 -5.07
CA LEU A 372 -2.72 4.81 -3.66
C LEU A 372 -1.35 4.21 -3.35
N VAL A 373 -0.48 5.02 -2.77
CA VAL A 373 0.90 4.63 -2.50
C VAL A 373 0.97 3.94 -1.14
N PHE A 374 1.67 2.82 -1.09
CA PHE A 374 1.74 1.98 0.11
C PHE A 374 3.20 1.70 0.44
N GLU A 375 3.58 1.98 1.68
CA GLU A 375 4.95 1.73 2.13
C GLU A 375 4.91 1.44 3.62
N VAL A 376 5.52 0.33 4.02
CA VAL A 376 5.57 -0.07 5.42
C VAL A 376 6.91 0.36 5.99
N GLN A 377 6.87 1.22 7.02
CA GLN A 377 8.06 1.80 7.61
C GLN A 377 8.12 1.56 9.12
N GLN A 378 7.39 0.58 9.61
CA GLN A 378 7.32 0.32 11.05
C GLN A 378 6.89 -1.12 11.26
N PRO A 379 7.16 -1.68 12.44
CA PRO A 379 6.86 -3.10 12.67
C PRO A 379 5.39 -3.39 12.41
N PHE A 380 5.14 -4.48 11.70
CA PHE A 380 3.79 -4.77 11.22
C PHE A 380 3.35 -6.16 11.63
N LEU A 381 2.04 -6.37 11.59
CA LEU A 381 1.43 -7.66 11.90
C LEU A 381 0.98 -8.30 10.59
N PHE A 382 1.55 -9.46 10.26
CA PHE A 382 1.28 -10.07 8.96
C PHE A 382 0.68 -11.45 9.12
N VAL A 383 -0.37 -11.70 8.36
CA VAL A 383 -1.06 -12.98 8.30
C VAL A 383 -1.06 -13.45 6.85
N LEU A 384 -0.58 -14.66 6.62
CA LEU A 384 -0.72 -15.24 5.30
C LEU A 384 -2.02 -16.06 5.28
N TRP A 385 -2.79 -15.90 4.20
CA TRP A 385 -4.18 -16.30 4.18
C TRP A 385 -4.45 -17.10 2.92
N ASP A 386 -5.42 -18.01 3.01
CA ASP A 386 -5.72 -18.90 1.89
C ASP A 386 -6.63 -18.22 0.86
N GLN A 387 -7.78 -17.72 1.32
CA GLN A 387 -8.81 -17.05 0.53
C GLN A 387 -9.52 -18.06 -0.36
N GLN A 388 -9.02 -19.28 -0.39
CA GLN A 388 -9.78 -20.41 -0.92
C GLN A 388 -10.52 -21.15 0.18
N HIS A 389 -10.12 -20.96 1.42
CA HIS A 389 -10.86 -21.49 2.56
C HIS A 389 -10.99 -20.49 3.71
N LYS A 390 -10.39 -19.31 3.59
CA LYS A 390 -10.54 -18.24 4.57
C LYS A 390 -10.11 -18.70 5.97
N PHE A 391 -8.85 -19.10 6.07
CA PHE A 391 -8.21 -19.36 7.35
C PHE A 391 -6.79 -18.82 7.28
N PRO A 392 -6.24 -18.37 8.40
CA PRO A 392 -4.86 -17.89 8.41
C PRO A 392 -3.88 -19.05 8.54
N VAL A 393 -3.19 -19.36 7.44
CA VAL A 393 -2.21 -20.43 7.51
C VAL A 393 -1.03 -20.02 8.38
N PHE A 394 -0.51 -18.82 8.16
CA PHE A 394 0.60 -18.28 8.94
C PHE A 394 0.13 -17.05 9.70
N MET A 395 0.94 -16.63 10.66
CA MET A 395 0.67 -15.41 11.40
C MET A 395 1.90 -15.02 12.19
N GLY A 396 2.11 -13.71 12.31
CA GLY A 396 3.20 -13.24 13.13
C GLY A 396 3.40 -11.74 12.96
N ARG A 397 4.60 -11.29 13.32
CA ARG A 397 4.90 -9.87 13.27
C ARG A 397 6.36 -9.68 12.93
N VAL A 398 6.66 -8.51 12.36
CA VAL A 398 8.02 -8.15 11.98
C VAL A 398 8.38 -6.83 12.64
N TYR A 399 9.50 -6.82 13.35
CA TYR A 399 10.05 -5.62 13.98
C TYR A 399 11.34 -5.18 13.32
N ASP A 400 12.32 -6.07 13.24
CA ASP A 400 13.61 -5.80 12.62
C ASP A 400 13.63 -6.46 11.26
N PRO A 401 13.45 -5.73 10.17
CA PRO A 401 13.32 -6.37 8.86
C PRO A 401 14.65 -6.88 8.31
N ARG A 402 15.69 -6.89 9.14
CA ARG A 402 16.98 -7.41 8.70
C ARG A 402 17.32 -8.70 9.44
N GLY B 16 -5.08 16.66 -50.34
CA GLY B 16 -5.68 17.94 -50.03
C GLY B 16 -7.19 17.90 -49.92
N ASP B 17 -7.68 16.86 -49.26
CA ASP B 17 -9.12 16.69 -49.09
C ASP B 17 -9.73 17.96 -48.51
N VAL B 18 -10.99 18.21 -48.87
CA VAL B 18 -11.65 19.45 -48.48
C VAL B 18 -13.05 19.19 -47.93
N ALA B 19 -13.54 17.96 -48.06
CA ALA B 19 -14.95 17.70 -47.76
C ALA B 19 -15.15 16.49 -46.85
N ILE B 20 -16.41 16.12 -46.65
CA ILE B 20 -16.77 15.11 -45.66
C ILE B 20 -16.27 13.74 -46.08
N ALA B 21 -16.09 12.87 -45.09
CA ALA B 21 -15.75 11.46 -45.32
C ALA B 21 -16.38 10.65 -44.19
N THR B 22 -17.57 10.12 -44.44
CA THR B 22 -18.24 9.28 -43.46
C THR B 22 -17.62 7.89 -43.51
N THR B 23 -18.24 6.93 -42.82
CA THR B 23 -17.75 5.56 -42.85
C THR B 23 -18.76 4.65 -42.18
N LYS B 24 -18.75 3.38 -42.60
CA LYS B 24 -19.56 2.34 -42.00
C LYS B 24 -18.88 1.85 -40.73
N ALA B 25 -19.33 0.70 -40.21
CA ALA B 25 -18.70 0.11 -39.03
C ALA B 25 -17.42 -0.60 -39.43
N SER B 26 -16.51 0.11 -40.10
CA SER B 26 -15.24 -0.43 -40.51
C SER B 26 -14.16 0.62 -40.28
N GLU B 27 -13.00 0.16 -39.82
CA GLU B 27 -11.99 1.05 -39.26
C GLU B 27 -11.37 1.94 -40.34
N HIS B 28 -10.49 2.83 -39.89
CA HIS B 28 -9.60 3.60 -40.75
C HIS B 28 -10.39 4.45 -41.75
N GLY B 29 -11.13 5.41 -41.19
CA GLY B 29 -11.82 6.38 -42.03
C GLY B 29 -10.86 7.12 -42.94
N ILE B 30 -9.73 7.57 -42.39
CA ILE B 30 -8.68 8.18 -43.19
C ILE B 30 -7.32 7.88 -42.56
N ASN B 31 -6.46 7.18 -43.30
CA ASN B 31 -5.11 6.89 -42.85
C ASN B 31 -4.12 7.31 -43.92
N VAL B 32 -2.96 7.78 -43.49
CA VAL B 32 -1.95 8.34 -44.39
C VAL B 32 -0.64 7.58 -44.21
N THR B 33 -0.74 6.27 -43.99
CA THR B 33 0.35 5.47 -43.46
C THR B 33 1.74 5.91 -43.91
N GLY B 34 1.96 6.03 -45.21
CA GLY B 34 3.27 6.36 -45.74
C GLY B 34 3.20 7.38 -46.83
N ARG B 35 3.89 7.10 -47.94
CA ARG B 35 3.99 7.95 -49.12
C ARG B 35 4.49 9.35 -48.79
N THR B 36 4.93 9.59 -47.56
CA THR B 36 5.63 10.80 -47.16
C THR B 36 5.04 12.05 -47.79
N ALA B 37 3.76 12.34 -47.50
CA ALA B 37 3.09 13.50 -48.08
C ALA B 37 2.30 14.22 -47.00
N GLU B 38 1.47 15.17 -47.42
CA GLU B 38 0.61 15.93 -46.53
C GLU B 38 -0.80 15.90 -47.07
N VAL B 39 -1.77 16.00 -46.17
CA VAL B 39 -3.18 15.88 -46.51
C VAL B 39 -3.87 17.24 -46.48
N ARG B 40 -3.71 18.00 -45.40
CA ARG B 40 -4.34 19.30 -45.27
C ARG B 40 -5.84 19.21 -45.49
N VAL B 41 -6.47 18.19 -44.88
CA VAL B 41 -7.91 18.06 -44.93
C VAL B 41 -8.52 19.36 -44.44
N THR B 42 -9.26 20.04 -45.30
CA THR B 42 -9.73 21.39 -44.97
C THR B 42 -10.86 21.37 -43.96
N GLY B 43 -11.80 20.43 -44.11
CA GLY B 43 -12.94 20.38 -43.23
C GLY B 43 -13.98 19.41 -43.75
N GLY B 44 -15.01 19.22 -42.95
CA GLY B 44 -16.04 18.26 -43.26
C GLY B 44 -16.50 17.50 -42.03
N THR B 45 -16.46 16.17 -42.08
CA THR B 45 -16.84 15.37 -40.93
C THR B 45 -16.49 13.92 -41.18
N ILE B 46 -16.01 13.25 -40.13
CA ILE B 46 -15.83 11.81 -40.11
C ILE B 46 -16.61 11.26 -38.93
N ARG B 47 -17.47 10.29 -39.19
CA ARG B 47 -18.41 9.78 -38.20
C ARG B 47 -18.37 8.27 -38.15
N THR B 48 -17.19 7.69 -38.26
CA THR B 48 -17.07 6.24 -38.21
C THR B 48 -17.71 5.70 -36.95
N SER B 49 -18.16 4.45 -37.01
CA SER B 49 -18.78 3.81 -35.87
C SER B 49 -18.37 2.36 -35.70
N GLY B 50 -17.33 1.91 -36.39
CA GLY B 50 -16.90 0.53 -36.27
C GLY B 50 -16.30 0.24 -34.91
N ASN B 51 -15.98 -1.04 -34.71
CA ASN B 51 -15.36 -1.50 -33.47
C ASN B 51 -13.85 -1.53 -33.65
N GLN B 52 -13.15 -0.65 -32.94
CA GLN B 52 -11.72 -0.45 -33.04
C GLN B 52 -11.37 0.40 -34.26
N ALA B 53 -12.36 0.94 -34.95
CA ALA B 53 -12.11 1.88 -36.03
C ALA B 53 -11.49 3.15 -35.49
N GLN B 54 -10.61 3.75 -36.30
CA GLN B 54 -9.99 5.02 -35.97
C GLN B 54 -10.13 5.97 -37.13
N GLY B 55 -10.63 7.18 -36.85
CA GLY B 55 -10.94 8.10 -37.93
C GLY B 55 -9.72 8.53 -38.71
N LEU B 56 -8.64 8.88 -38.02
CA LEU B 56 -7.52 9.57 -38.66
C LEU B 56 -6.18 9.02 -38.18
N ARG B 57 -6.03 7.70 -38.15
CA ARG B 57 -4.69 7.16 -37.94
C ARG B 57 -3.78 7.66 -39.06
N VAL B 58 -2.54 7.99 -38.69
CA VAL B 58 -1.58 8.53 -39.65
C VAL B 58 -0.28 7.73 -39.71
N GLY B 59 0.07 6.98 -38.68
CA GLY B 59 1.35 6.29 -38.67
C GLY B 59 1.43 5.17 -39.69
N THR B 60 2.35 4.23 -39.47
CA THR B 60 2.56 3.14 -40.41
C THR B 60 3.12 1.93 -39.67
N GLU B 61 3.30 0.83 -40.40
CA GLU B 61 3.81 -0.40 -39.80
C GLU B 61 5.20 -0.20 -39.22
N ASN B 62 6.17 0.13 -40.07
CA ASN B 62 7.55 0.29 -39.63
C ASN B 62 8.27 1.34 -40.48
N VAL B 70 7.16 12.91 -40.67
CA VAL B 70 7.32 13.60 -41.95
C VAL B 70 5.99 13.70 -42.66
N ALA B 71 5.08 12.77 -42.34
CA ALA B 71 3.76 12.77 -42.94
C ALA B 71 2.87 13.87 -42.39
N SER B 72 3.32 15.12 -42.53
CA SER B 72 2.59 16.24 -41.95
C SER B 72 1.16 16.28 -42.47
N VAL B 73 0.22 16.52 -41.54
CA VAL B 73 -1.18 16.71 -41.89
C VAL B 73 -1.68 17.96 -41.18
N PHE B 74 -2.76 18.52 -41.70
CA PHE B 74 -3.39 19.72 -41.13
C PHE B 74 -4.90 19.52 -41.19
N LEU B 75 -5.44 18.96 -40.11
CA LEU B 75 -6.88 18.72 -40.02
C LEU B 75 -7.56 20.01 -39.54
N GLN B 76 -7.73 20.93 -40.48
CA GLN B 76 -8.48 22.13 -40.19
C GLN B 76 -9.88 21.74 -39.71
N ASN B 77 -10.60 22.72 -39.15
CA ASN B 77 -11.87 22.47 -38.48
C ASN B 77 -12.67 21.38 -39.18
N LEU B 78 -13.04 20.35 -38.43
CA LEU B 78 -13.76 19.20 -38.94
C LEU B 78 -14.14 18.32 -37.76
N ILE B 79 -15.27 17.65 -37.87
CA ILE B 79 -15.81 16.85 -36.78
C ILE B 79 -15.48 15.39 -37.02
N ILE B 80 -15.01 14.71 -35.97
CA ILE B 80 -14.49 13.36 -36.05
C ILE B 80 -15.29 12.44 -35.14
N GLU B 81 -16.58 12.68 -35.02
CA GLU B 81 -17.36 12.08 -33.95
C GLU B 81 -17.51 10.57 -34.13
N THR B 82 -16.39 9.85 -34.06
CA THR B 82 -16.43 8.39 -34.11
C THR B 82 -17.11 7.83 -32.87
N SER B 83 -17.42 6.55 -32.93
CA SER B 83 -18.03 5.85 -31.79
C SER B 83 -17.84 4.35 -31.97
N GLY B 84 -17.10 3.72 -31.07
CA GLY B 84 -16.89 2.30 -31.16
C GLY B 84 -15.87 1.78 -30.17
N THR B 85 -16.05 0.54 -29.71
CA THR B 85 -15.12 -0.03 -28.75
C THR B 85 -13.71 -0.07 -29.35
N GLY B 86 -12.74 0.40 -28.57
CA GLY B 86 -11.35 0.53 -28.97
C GLY B 86 -11.15 1.58 -30.05
N ALA B 87 -12.21 2.24 -30.52
CA ALA B 87 -12.06 3.27 -31.52
C ALA B 87 -11.19 4.39 -30.99
N LEU B 88 -10.76 5.27 -31.90
CA LEU B 88 -9.99 6.42 -31.49
C LEU B 88 -9.80 7.39 -32.65
N GLY B 89 -9.87 8.68 -32.38
CA GLY B 89 -9.70 9.68 -33.43
C GLY B 89 -8.23 9.76 -33.78
N VAL B 90 -7.83 10.79 -34.52
CA VAL B 90 -6.48 10.85 -35.07
C VAL B 90 -5.48 10.41 -34.03
N SER B 91 -4.66 9.42 -34.37
CA SER B 91 -3.73 8.79 -33.44
C SER B 91 -2.39 8.55 -34.12
N VAL B 92 -1.90 9.55 -34.83
CA VAL B 92 -0.67 9.39 -35.59
C VAL B 92 0.44 8.91 -34.67
N HIS B 93 1.15 7.86 -35.09
CA HIS B 93 2.28 7.33 -34.35
C HIS B 93 3.39 6.98 -35.33
N GLU B 94 4.62 7.27 -34.94
CA GLU B 94 5.77 7.20 -35.85
C GLU B 94 6.94 6.57 -35.13
N PRO B 95 7.85 5.92 -35.86
CA PRO B 95 8.98 5.24 -35.21
C PRO B 95 10.01 6.22 -34.67
N GLN B 96 10.90 5.69 -33.82
CA GLN B 96 11.85 6.54 -33.12
C GLN B 96 12.77 7.27 -34.10
N GLY B 97 13.22 6.58 -35.13
CA GLY B 97 14.14 7.18 -36.08
C GLY B 97 13.47 8.16 -37.01
N GLY B 98 14.30 8.81 -37.83
CA GLY B 98 13.79 9.74 -38.83
C GLY B 98 12.99 10.89 -38.26
N GLY B 99 13.48 11.49 -37.18
CA GLY B 99 12.79 12.61 -36.57
C GLY B 99 11.40 12.25 -36.10
N GLY B 100 10.39 12.76 -36.77
CA GLY B 100 9.03 12.48 -36.42
C GLY B 100 8.06 12.87 -37.51
N THR B 101 6.79 12.95 -37.14
CA THR B 101 5.72 13.35 -38.06
C THR B 101 4.96 14.52 -37.46
N ARG B 102 4.48 15.40 -38.34
CA ARG B 102 3.85 16.64 -37.94
C ARG B 102 2.35 16.55 -38.14
N LEU B 103 1.60 16.92 -37.11
CA LEU B 103 0.15 17.05 -37.19
C LEU B 103 -0.25 18.43 -36.72
N SER B 104 -1.31 18.98 -37.31
CA SER B 104 -1.81 20.30 -36.92
C SER B 104 -3.31 20.33 -37.11
N MET B 105 -4.02 20.76 -36.08
CA MET B 105 -5.48 20.73 -36.06
C MET B 105 -6.03 22.13 -35.82
N SER B 106 -7.37 22.20 -35.82
CA SER B 106 -8.09 23.42 -35.47
C SER B 106 -9.58 23.09 -35.46
N GLY B 107 -10.37 23.81 -34.66
CA GLY B 107 -11.75 23.40 -34.47
C GLY B 107 -11.80 21.93 -34.08
N THR B 108 -12.38 21.09 -34.94
CA THR B 108 -12.24 19.64 -34.84
C THR B 108 -12.72 19.13 -33.48
N THR B 109 -14.02 19.26 -33.27
CA THR B 109 -14.63 18.77 -32.03
C THR B 109 -14.66 17.25 -32.02
N VAL B 110 -13.47 16.65 -31.95
CA VAL B 110 -13.34 15.20 -31.96
C VAL B 110 -14.04 14.60 -30.74
N ARG B 111 -15.13 13.88 -30.96
CA ARG B 111 -15.88 13.26 -29.87
C ARG B 111 -15.86 11.75 -30.05
N THR B 112 -15.51 11.04 -28.98
CA THR B 112 -15.50 9.59 -29.02
C THR B 112 -16.35 9.06 -27.86
N ARG B 113 -16.83 7.83 -28.04
CA ARG B 113 -17.54 7.14 -26.96
C ARG B 113 -17.26 5.64 -27.14
N GLY B 114 -16.25 5.14 -26.44
CA GLY B 114 -15.89 3.75 -26.55
C GLY B 114 -15.14 3.31 -25.31
N ASP B 115 -15.14 2.00 -25.08
CA ASP B 115 -14.57 1.48 -23.84
C ASP B 115 -13.16 2.02 -23.60
N ASP B 116 -12.35 2.13 -24.65
CA ASP B 116 -10.97 2.56 -24.49
C ASP B 116 -10.57 3.57 -25.56
N SER B 117 -11.54 4.30 -26.09
CA SER B 117 -11.26 5.19 -27.21
C SER B 117 -10.42 6.38 -26.78
N PHE B 118 -9.35 6.64 -27.54
CA PHE B 118 -8.50 7.80 -27.31
C PHE B 118 -8.86 8.89 -28.31
N ALA B 119 -8.90 10.13 -27.84
CA ALA B 119 -9.06 11.24 -28.75
C ALA B 119 -7.76 11.54 -29.49
N LEU B 120 -6.62 11.39 -28.80
CA LEU B 120 -5.31 11.66 -29.40
C LEU B 120 -4.29 10.80 -28.67
N GLN B 121 -3.84 9.73 -29.32
CA GLN B 121 -2.74 8.95 -28.82
C GLN B 121 -1.58 9.15 -29.80
N LEU B 122 -0.45 9.61 -29.28
CA LEU B 122 0.68 10.05 -30.08
C LEU B 122 1.91 9.27 -29.64
N SER B 123 2.35 8.34 -30.48
CA SER B 123 3.46 7.47 -30.13
C SER B 123 4.78 8.08 -30.56
N GLY B 124 5.85 7.28 -30.52
CA GLY B 124 7.21 7.75 -30.64
C GLY B 124 7.47 8.89 -31.61
N PRO B 125 8.23 9.88 -31.15
CA PRO B 125 8.74 10.98 -31.96
C PRO B 125 7.65 11.78 -32.66
N ALA B 126 6.39 11.61 -32.25
CA ALA B 126 5.31 12.37 -32.85
C ALA B 126 5.48 13.86 -32.60
N SER B 127 4.71 14.67 -33.32
CA SER B 127 4.73 16.11 -33.15
C SER B 127 3.39 16.67 -33.60
N ALA B 128 2.69 17.36 -32.68
CA ALA B 128 1.37 17.90 -32.98
C ALA B 128 1.25 19.30 -32.40
N THR B 129 0.45 20.13 -33.07
CA THR B 129 0.14 21.47 -32.60
C THR B 129 -1.36 21.69 -32.78
N LEU B 130 -2.03 22.10 -31.71
CA LEU B 130 -3.48 22.24 -31.70
C LEU B 130 -3.86 23.66 -31.27
N ASN B 131 -5.00 24.12 -31.76
CA ASN B 131 -5.40 25.50 -31.47
C ASN B 131 -6.82 25.62 -30.92
N ASP B 132 -7.76 24.84 -31.40
CA ASP B 132 -9.14 24.91 -30.93
C ASP B 132 -9.75 23.52 -30.84
N VAL B 133 -8.99 22.55 -30.35
CA VAL B 133 -9.37 21.14 -30.49
C VAL B 133 -10.76 20.90 -29.91
N ALA B 134 -10.91 21.09 -28.61
CA ALA B 134 -12.18 20.84 -27.93
C ALA B 134 -12.66 19.41 -28.19
N LEU B 135 -11.87 18.46 -27.70
CA LEU B 135 -12.14 17.04 -27.90
C LEU B 135 -12.77 16.44 -26.64
N GLU B 136 -13.73 15.55 -26.84
CA GLU B 136 -14.47 14.94 -25.76
C GLU B 136 -14.46 13.43 -25.89
N THR B 137 -14.59 12.76 -24.75
CA THR B 137 -14.67 11.32 -24.71
C THR B 137 -15.61 10.90 -23.59
N ALA B 138 -16.19 9.70 -23.73
CA ALA B 138 -17.11 9.20 -22.72
C ALA B 138 -16.93 7.71 -22.45
N GLY B 139 -15.76 7.15 -22.75
CA GLY B 139 -15.56 5.72 -22.66
C GLY B 139 -15.33 5.24 -21.24
N GLN B 140 -14.88 4.00 -21.14
CA GLN B 140 -14.68 3.39 -19.83
C GLN B 140 -13.38 3.84 -19.20
N GLN B 141 -12.25 3.53 -19.85
CA GLN B 141 -10.94 3.97 -19.39
C GLN B 141 -10.25 4.84 -20.43
N ALA B 142 -11.00 5.75 -21.05
CA ALA B 142 -10.52 6.48 -22.21
C ALA B 142 -9.92 7.81 -21.79
N PRO B 143 -8.63 8.03 -21.94
CA PRO B 143 -8.05 9.36 -21.74
C PRO B 143 -8.23 10.22 -22.98
N ALA B 144 -8.20 11.53 -22.78
CA ALA B 144 -8.44 12.46 -23.87
C ALA B 144 -7.27 12.45 -24.85
N VAL B 145 -6.09 12.86 -24.41
CA VAL B 145 -4.89 12.76 -25.23
C VAL B 145 -3.82 12.02 -24.44
N VAL B 146 -3.37 10.88 -24.98
CA VAL B 146 -2.24 10.18 -24.40
C VAL B 146 -1.05 10.36 -25.33
N LEU B 147 0.12 10.63 -24.75
CA LEU B 147 1.34 10.85 -25.52
C LEU B 147 2.39 9.86 -25.08
N TRP B 148 2.82 9.00 -26.00
CA TRP B 148 3.83 8.02 -25.69
C TRP B 148 5.20 8.60 -25.99
N GLN B 149 6.21 7.73 -26.05
CA GLN B 149 7.59 8.18 -26.20
C GLN B 149 7.71 9.28 -27.25
N GLY B 150 8.63 10.21 -27.02
CA GLY B 150 8.66 11.40 -27.86
C GLY B 150 7.37 12.17 -27.68
N ALA B 151 6.67 12.41 -28.78
CA ALA B 151 5.32 12.97 -28.74
C ALA B 151 5.30 14.33 -28.05
N GLN B 152 5.99 15.29 -28.67
CA GLN B 152 5.91 16.68 -28.20
C GLN B 152 4.63 17.32 -28.69
N LEU B 153 4.00 18.11 -27.82
CA LEU B 153 2.68 18.66 -28.10
C LEU B 153 2.61 20.12 -27.68
N ASN B 154 2.01 20.93 -28.53
CA ASN B 154 1.68 22.32 -28.23
C ASN B 154 0.20 22.52 -28.46
N ALA B 155 -0.51 23.02 -27.45
CA ALA B 155 -1.97 23.04 -27.50
C ALA B 155 -2.49 24.35 -26.93
N GLN B 156 -3.51 24.89 -27.60
CA GLN B 156 -4.19 26.11 -27.18
C GLN B 156 -5.69 25.88 -27.22
N GLY B 157 -6.40 26.49 -26.27
CA GLY B 157 -7.85 26.45 -26.30
C GLY B 157 -8.47 25.07 -26.20
N LEU B 158 -7.76 24.11 -25.64
CA LEU B 158 -8.31 22.76 -25.51
C LEU B 158 -9.43 22.74 -24.49
N VAL B 159 -10.48 21.99 -24.78
CA VAL B 159 -11.62 21.87 -23.89
C VAL B 159 -11.88 20.41 -23.60
N VAL B 160 -10.82 19.60 -23.62
CA VAL B 160 -10.97 18.16 -23.41
C VAL B 160 -11.76 17.91 -22.15
N GLN B 161 -12.80 17.08 -22.24
CA GLN B 161 -13.59 16.72 -21.07
C GLN B 161 -13.89 15.23 -21.14
N VAL B 162 -13.51 14.52 -20.09
CA VAL B 162 -13.66 13.08 -20.04
C VAL B 162 -14.80 12.73 -19.11
N ASN B 163 -15.21 11.47 -19.12
CA ASN B 163 -16.25 10.98 -18.23
C ASN B 163 -15.99 9.49 -17.97
N GLY B 164 -16.97 8.83 -17.39
CA GLY B 164 -16.88 7.39 -17.17
C GLY B 164 -15.81 7.01 -16.16
N ALA B 165 -15.60 5.71 -16.05
CA ALA B 165 -14.75 5.12 -15.02
C ALA B 165 -13.28 5.12 -15.43
N GLY B 166 -12.91 6.00 -16.35
CA GLY B 166 -11.56 5.99 -16.89
C GLY B 166 -10.50 6.27 -15.86
N VAL B 167 -9.30 6.63 -16.32
CA VAL B 167 -8.18 6.83 -15.42
C VAL B 167 -7.47 8.15 -15.62
N SER B 168 -7.77 8.90 -16.68
CA SER B 168 -7.07 10.17 -16.82
C SER B 168 -7.61 10.96 -18.00
N ALA B 169 -7.56 12.28 -17.85
CA ALA B 169 -7.53 13.22 -18.96
C ALA B 169 -6.09 13.18 -19.45
N ILE B 170 -5.63 14.24 -20.13
CA ILE B 170 -4.35 14.22 -20.83
C ILE B 170 -3.33 13.41 -20.02
N HIS B 171 -2.71 12.43 -20.68
CA HIS B 171 -1.84 11.46 -20.04
C HIS B 171 -0.51 11.48 -20.80
N ALA B 172 0.52 12.05 -20.19
CA ALA B 172 1.79 12.27 -20.85
C ALA B 172 2.84 11.36 -20.23
N GLN B 173 3.64 10.72 -21.08
CA GLN B 173 4.48 9.62 -20.64
C GLN B 173 5.79 9.57 -21.42
N ASP B 174 6.85 9.14 -20.73
CA ASP B 174 8.08 8.69 -21.36
C ASP B 174 8.72 9.78 -22.24
N ALA B 175 9.15 10.84 -21.55
CA ALA B 175 9.93 11.93 -22.15
C ALA B 175 9.09 12.84 -23.02
N GLY B 176 7.77 12.63 -23.07
CA GLY B 176 6.91 13.55 -23.79
C GLY B 176 7.10 14.98 -23.35
N SER B 177 6.68 15.89 -24.20
CA SER B 177 6.80 17.32 -23.90
C SER B 177 5.55 18.01 -24.41
N PHE B 178 4.72 18.50 -23.49
CA PHE B 178 3.46 19.13 -23.84
C PHE B 178 3.37 20.50 -23.18
N THR B 179 2.73 21.43 -23.88
CA THR B 179 2.55 22.78 -23.38
C THR B 179 1.13 23.23 -23.70
N LEU B 180 0.32 23.40 -22.65
CA LEU B 180 -1.07 23.82 -22.79
C LEU B 180 -1.20 25.30 -22.46
N SER B 181 -2.01 26.00 -23.24
CA SER B 181 -2.26 27.42 -23.03
C SER B 181 -3.75 27.68 -23.11
N GLY B 182 -4.31 28.24 -22.04
CA GLY B 182 -5.71 28.62 -22.03
C GLY B 182 -6.69 27.47 -22.17
N SER B 183 -6.19 26.25 -22.01
CA SER B 183 -7.04 25.07 -22.11
C SER B 183 -7.70 24.77 -20.76
N ASP B 184 -8.77 23.99 -20.81
CA ASP B 184 -9.44 23.54 -19.61
C ASP B 184 -9.69 22.04 -19.68
N ILE B 185 -9.42 21.35 -18.58
CA ILE B 185 -9.59 19.91 -18.48
C ILE B 185 -10.63 19.66 -17.41
N THR B 186 -11.67 18.91 -17.75
CA THR B 186 -12.75 18.61 -16.79
C THR B 186 -12.98 17.11 -16.79
N ALA B 187 -12.21 16.39 -15.99
CA ALA B 187 -12.45 14.97 -15.83
C ALA B 187 -13.69 14.73 -14.99
N ARG B 188 -14.28 13.55 -15.16
CA ARG B 188 -15.40 13.12 -14.35
C ARG B 188 -15.22 11.64 -14.02
N GLY B 189 -16.20 11.05 -13.36
CA GLY B 189 -16.14 9.64 -13.07
C GLY B 189 -15.10 9.30 -12.03
N LEU B 190 -15.31 8.19 -11.34
CA LEU B 190 -14.43 7.80 -10.25
C LEU B 190 -13.06 7.37 -10.76
N GLU B 191 -12.05 7.57 -9.92
CA GLU B 191 -10.65 7.34 -10.29
C GLU B 191 -10.32 7.93 -11.65
N VAL B 192 -10.45 9.25 -11.78
CA VAL B 192 -10.08 9.96 -12.99
C VAL B 192 -9.10 11.06 -12.63
N VAL B 193 -7.97 11.09 -13.31
CA VAL B 193 -6.93 12.07 -13.08
C VAL B 193 -6.97 13.15 -14.15
N GLY B 194 -6.90 14.41 -13.73
CA GLY B 194 -6.91 15.49 -14.68
C GLY B 194 -5.74 15.45 -15.62
N ILE B 195 -4.54 15.68 -15.12
CA ILE B 195 -3.32 15.65 -15.93
C ILE B 195 -2.33 14.74 -15.25
N TYR B 196 -2.00 13.64 -15.92
CA TYR B 196 -1.11 12.62 -15.36
C TYR B 196 0.17 12.58 -16.16
N VAL B 197 1.27 12.96 -15.53
CA VAL B 197 2.58 13.00 -16.18
C VAL B 197 3.56 12.18 -15.36
N GLN B 198 4.32 11.34 -16.05
CA GLN B 198 5.22 10.41 -15.39
C GLN B 198 6.04 9.69 -16.44
N GLU B 199 7.13 9.07 -15.98
CA GLU B 199 8.14 8.52 -16.88
C GLU B 199 8.83 9.61 -17.68
N GLY B 200 9.14 10.71 -17.01
CA GLY B 200 9.86 11.82 -17.62
C GLY B 200 8.93 12.70 -18.42
N MET B 201 8.99 14.01 -18.18
CA MET B 201 8.15 14.97 -18.87
C MET B 201 8.69 16.37 -18.62
N GLN B 202 8.19 17.31 -19.42
CA GLN B 202 8.53 18.72 -19.28
C GLN B 202 7.28 19.58 -19.41
N GLY B 203 6.19 19.15 -18.78
CA GLY B 203 4.93 19.84 -18.97
C GLY B 203 4.99 21.28 -18.51
N THR B 204 4.25 22.13 -19.23
CA THR B 204 4.10 23.54 -18.87
C THR B 204 2.67 23.94 -19.15
N LEU B 205 1.94 24.32 -18.12
CA LEU B 205 0.55 24.75 -18.23
C LEU B 205 0.47 26.24 -17.97
N THR B 206 -0.29 26.95 -18.81
CA THR B 206 -0.46 28.39 -18.68
C THR B 206 -1.88 28.73 -19.10
N GLY B 207 -2.70 29.15 -18.14
CA GLY B 207 -4.10 29.40 -18.38
C GLY B 207 -5.00 28.21 -18.18
N THR B 208 -4.44 27.02 -18.03
CA THR B 208 -5.24 25.83 -17.79
C THR B 208 -6.11 26.02 -16.56
N ARG B 209 -7.27 25.37 -16.58
CA ARG B 209 -8.17 25.37 -15.43
C ARG B 209 -8.68 23.97 -15.15
N VAL B 210 -7.76 23.02 -15.09
CA VAL B 210 -8.11 21.62 -14.84
C VAL B 210 -9.13 21.53 -13.70
N THR B 211 -10.14 20.70 -13.89
CA THR B 211 -11.20 20.51 -12.91
C THR B 211 -11.29 19.01 -12.63
N THR B 212 -12.29 18.56 -11.89
CA THR B 212 -12.36 17.14 -11.58
C THR B 212 -13.64 16.87 -10.79
N GLN B 213 -14.00 15.59 -10.73
CA GLN B 213 -15.02 15.09 -9.82
C GLN B 213 -14.42 13.99 -8.96
N GLY B 214 -15.04 13.75 -7.82
CA GLY B 214 -14.39 13.01 -6.76
C GLY B 214 -14.11 11.55 -7.02
N ASP B 215 -14.06 10.76 -5.95
CA ASP B 215 -13.69 9.35 -6.02
C ASP B 215 -12.25 9.18 -6.49
N THR B 216 -11.32 9.71 -5.69
CA THR B 216 -9.88 9.54 -5.90
C THR B 216 -9.48 10.05 -7.28
N ALA B 217 -9.63 11.35 -7.48
CA ALA B 217 -9.43 11.99 -8.78
C ALA B 217 -8.47 13.15 -8.64
N PRO B 218 -7.19 12.87 -8.42
CA PRO B 218 -6.20 13.96 -8.38
C PRO B 218 -6.23 14.78 -9.65
N ALA B 219 -6.29 16.10 -9.48
CA ALA B 219 -6.31 17.00 -10.63
C ALA B 219 -5.03 16.85 -11.45
N LEU B 220 -3.88 16.94 -10.81
CA LEU B 220 -2.58 16.84 -11.46
C LEU B 220 -1.69 15.89 -10.70
N GLN B 221 -1.33 14.78 -11.32
CA GLN B 221 -0.45 13.78 -10.74
C GLN B 221 0.84 13.76 -11.54
N VAL B 222 1.97 13.92 -10.85
CA VAL B 222 3.28 13.97 -11.50
C VAL B 222 4.21 13.04 -10.73
N GLU B 223 4.78 12.04 -11.40
CA GLU B 223 5.69 11.16 -10.70
C GLU B 223 6.67 10.43 -11.63
N ASP B 224 7.92 10.88 -11.65
CA ASP B 224 9.05 10.04 -12.07
C ASP B 224 10.26 10.12 -11.15
N ALA B 225 10.46 11.27 -10.50
CA ALA B 225 11.78 11.69 -10.03
C ALA B 225 12.57 12.28 -11.19
N GLY B 226 11.98 12.28 -12.38
CA GLY B 226 12.53 13.03 -13.50
C GLY B 226 11.55 13.97 -14.16
N THR B 227 10.25 13.75 -13.95
CA THR B 227 9.24 14.62 -14.53
C THR B 227 9.17 15.94 -13.79
N HIS B 228 8.70 16.97 -14.49
CA HIS B 228 8.64 18.31 -13.93
C HIS B 228 7.49 19.06 -14.57
N VAL B 229 6.54 19.51 -13.77
CA VAL B 229 5.41 20.30 -14.22
C VAL B 229 5.62 21.74 -13.76
N SER B 230 5.36 22.69 -14.67
CA SER B 230 5.49 24.11 -14.37
C SER B 230 4.18 24.78 -14.79
N MET B 231 3.35 25.12 -13.81
CA MET B 231 2.02 25.66 -14.05
C MET B 231 2.03 27.18 -13.86
N ASN B 232 0.98 27.82 -14.38
CA ASN B 232 0.87 29.28 -14.30
C ASN B 232 -0.61 29.65 -14.27
N GLY B 233 -1.11 30.04 -13.11
CA GLY B 233 -2.46 30.52 -12.99
C GLY B 233 -3.50 29.53 -13.43
N GLY B 234 -3.37 28.28 -13.01
CA GLY B 234 -4.30 27.24 -13.39
C GLY B 234 -5.09 26.71 -12.22
N ALA B 235 -6.40 26.97 -12.21
CA ALA B 235 -7.23 26.67 -11.06
C ALA B 235 -7.52 25.16 -10.99
N LEU B 236 -6.47 24.41 -10.65
CA LEU B 236 -6.66 23.01 -10.32
C LEU B 236 -7.71 22.88 -9.22
N SER B 237 -8.77 22.14 -9.50
CA SER B 237 -9.92 22.10 -8.61
C SER B 237 -10.49 20.69 -8.60
N THR B 238 -10.65 20.14 -7.40
CA THR B 238 -11.16 18.78 -7.26
C THR B 238 -12.46 18.82 -6.45
N SER B 239 -12.96 17.64 -6.12
CA SER B 239 -14.17 17.49 -5.32
C SER B 239 -14.29 16.01 -4.98
N GLY B 240 -15.40 15.63 -4.36
CA GLY B 240 -15.57 14.23 -4.08
C GLY B 240 -14.58 13.71 -3.05
N ALA B 241 -14.41 12.39 -3.06
CA ALA B 241 -13.58 11.73 -2.06
C ALA B 241 -12.13 12.14 -2.23
N ASN B 242 -11.27 11.55 -1.40
CA ASN B 242 -9.87 11.96 -1.33
C ASN B 242 -9.28 12.11 -2.72
N SER B 243 -8.91 13.35 -3.05
CA SER B 243 -8.43 13.68 -4.39
C SER B 243 -7.43 14.81 -4.27
N PRO B 244 -6.16 14.48 -4.11
CA PRO B 244 -5.12 15.53 -4.10
C PRO B 244 -5.28 16.46 -5.29
N ALA B 245 -5.30 17.76 -5.00
CA ALA B 245 -5.30 18.75 -6.07
C ALA B 245 -4.06 18.61 -6.94
N ALA B 246 -2.89 18.56 -6.31
CA ALA B 246 -1.65 18.27 -6.99
C ALA B 246 -0.88 17.23 -6.16
N TRP B 247 -0.55 16.12 -6.80
CA TRP B 247 0.13 15.00 -6.15
C TRP B 247 1.48 14.78 -6.82
N LEU B 248 2.55 14.98 -6.07
CA LEU B 248 3.91 14.81 -6.58
C LEU B 248 4.51 13.57 -5.92
N LEU B 249 4.78 12.55 -6.73
CA LEU B 249 5.22 11.26 -6.23
C LEU B 249 6.56 10.87 -6.84
N ALA B 250 7.25 9.97 -6.15
CA ALA B 250 8.46 9.33 -6.65
C ALA B 250 9.38 10.32 -7.35
N GLY B 251 9.65 11.43 -6.67
CA GLY B 251 10.58 12.40 -7.20
C GLY B 251 10.02 13.39 -8.19
N GLY B 252 8.70 13.45 -8.37
CA GLY B 252 8.11 14.44 -9.24
C GLY B 252 8.54 15.83 -8.84
N SER B 253 8.28 16.83 -9.69
CA SER B 253 8.72 18.18 -9.39
C SER B 253 7.75 19.16 -10.03
N ALA B 254 6.83 19.68 -9.22
CA ALA B 254 5.94 20.75 -9.65
C ALA B 254 6.56 22.10 -9.29
N GLN B 255 6.12 23.13 -10.03
CA GLN B 255 6.59 24.49 -9.79
C GLN B 255 5.50 25.42 -10.30
N PHE B 256 4.71 25.96 -9.38
CA PHE B 256 3.53 26.72 -9.74
C PHE B 256 3.84 28.20 -9.94
N ARG B 257 2.84 28.93 -10.43
CA ARG B 257 2.97 30.38 -10.61
C ARG B 257 1.56 30.96 -10.59
N ASP B 258 1.17 31.56 -9.47
CA ASP B 258 -0.13 32.20 -9.33
C ASP B 258 -1.28 31.24 -9.61
N THR B 259 -1.17 30.02 -9.11
CA THR B 259 -2.23 29.05 -9.29
C THR B 259 -3.30 29.24 -8.21
N VAL B 260 -4.34 28.42 -8.29
CA VAL B 260 -5.40 28.37 -7.29
C VAL B 260 -5.77 26.90 -7.12
N LEU B 261 -5.25 26.28 -6.06
CA LEU B 261 -5.47 24.85 -5.85
C LEU B 261 -6.67 24.58 -4.95
N ARG B 262 -7.82 25.15 -5.30
CA ARG B 262 -9.01 24.92 -4.51
C ARG B 262 -9.33 23.42 -4.49
N THR B 263 -9.58 22.89 -3.29
CA THR B 263 -9.64 21.44 -3.09
C THR B 263 -10.81 21.06 -2.19
N VAL B 264 -11.99 21.62 -2.47
CA VAL B 264 -13.13 21.38 -1.60
C VAL B 264 -13.62 19.95 -1.79
N GLY B 265 -13.23 19.06 -0.88
CA GLY B 265 -13.57 17.66 -0.99
C GLY B 265 -13.12 16.84 0.20
N GLU B 266 -13.98 15.95 0.66
CA GLU B 266 -13.68 15.13 1.83
C GLU B 266 -12.41 14.34 1.62
N ALA B 267 -11.53 14.35 2.63
CA ALA B 267 -10.25 13.65 2.63
C ALA B 267 -9.27 14.20 1.61
N SER B 268 -9.58 15.31 0.95
CA SER B 268 -8.72 15.83 -0.10
C SER B 268 -7.42 16.37 0.50
N HIS B 269 -6.56 16.86 -0.39
CA HIS B 269 -5.29 17.47 0.02
C HIS B 269 -4.94 18.55 -0.99
N GLY B 270 -4.63 19.74 -0.49
CA GLY B 270 -4.26 20.82 -1.38
C GLY B 270 -3.08 20.44 -2.26
N VAL B 271 -2.00 19.99 -1.65
CA VAL B 271 -0.83 19.51 -2.37
C VAL B 271 -0.18 18.41 -1.55
N ASP B 272 -0.13 17.20 -2.12
CA ASP B 272 0.47 16.06 -1.45
C ASP B 272 1.81 15.80 -2.12
N VAL B 273 2.90 16.05 -1.39
CA VAL B 273 4.25 15.85 -1.89
C VAL B 273 4.81 14.64 -1.18
N ALA B 274 5.09 13.59 -1.95
CA ALA B 274 5.46 12.29 -1.40
C ALA B 274 6.97 12.10 -1.45
N ALA B 275 7.41 10.88 -1.12
CA ALA B 275 8.84 10.59 -0.97
C ALA B 275 9.63 11.07 -2.17
N HIS B 276 10.76 11.72 -1.90
CA HIS B 276 11.72 12.20 -2.88
C HIS B 276 11.14 13.29 -3.78
N SER B 277 9.91 13.72 -3.57
CA SER B 277 9.30 14.74 -4.40
C SER B 277 9.65 16.13 -3.89
N GLU B 278 9.46 17.12 -4.76
CA GLU B 278 9.82 18.50 -4.44
C GLU B 278 8.85 19.43 -5.16
N VAL B 279 8.17 20.28 -4.39
CA VAL B 279 7.19 21.22 -4.93
C VAL B 279 7.69 22.64 -4.68
N GLU B 280 7.72 23.45 -5.73
CA GLU B 280 8.23 24.81 -5.68
C GLU B 280 7.10 25.84 -5.73
N LEU B 281 6.00 25.55 -5.05
CA LEU B 281 4.87 26.47 -4.99
C LEU B 281 5.35 27.90 -4.78
N ALA B 282 4.72 28.84 -5.46
CA ALA B 282 5.15 30.23 -5.38
C ALA B 282 4.01 31.15 -5.75
N HIS B 283 3.56 31.97 -4.80
CA HIS B 283 2.55 33.00 -5.05
C HIS B 283 1.27 32.39 -5.61
N ALA B 284 0.70 31.45 -4.87
CA ALA B 284 -0.52 30.78 -5.31
C ALA B 284 -1.37 30.40 -4.11
N GLN B 285 -2.68 30.58 -4.24
CA GLN B 285 -3.61 30.17 -3.20
C GLN B 285 -3.76 28.66 -3.21
N VAL B 286 -3.65 28.06 -2.03
CA VAL B 286 -3.85 26.62 -1.86
C VAL B 286 -4.87 26.47 -0.72
N ARG B 287 -6.14 26.39 -1.07
CA ARG B 287 -7.22 26.35 -0.10
C ARG B 287 -7.82 24.96 -0.10
N ALA B 288 -7.65 24.24 1.01
CA ALA B 288 -8.31 22.96 1.23
C ALA B 288 -9.50 23.16 2.14
N ASP B 289 -10.61 22.49 1.82
CA ASP B 289 -11.83 22.64 2.59
C ASP B 289 -12.40 21.27 2.92
N GLY B 290 -13.63 21.24 3.43
CA GLY B 290 -14.23 19.93 3.64
C GLY B 290 -13.67 19.22 4.87
N GLN B 291 -13.96 17.93 4.93
CA GLN B 291 -13.66 17.13 6.10
C GLN B 291 -12.15 16.91 6.16
N GLY B 292 -11.72 16.00 7.03
CA GLY B 292 -10.30 15.86 7.31
C GLY B 292 -9.46 15.91 6.06
N ALA B 293 -8.68 16.98 5.94
CA ALA B 293 -7.93 17.29 4.72
C ALA B 293 -6.92 18.36 5.05
N HIS B 294 -5.72 18.24 4.49
CA HIS B 294 -4.64 19.17 4.78
C HIS B 294 -4.36 20.01 3.55
N GLY B 295 -4.13 21.31 3.78
CA GLY B 295 -3.77 22.19 2.68
C GLY B 295 -2.52 21.70 1.96
N LEU B 296 -1.53 21.24 2.72
CA LEU B 296 -0.27 20.78 2.14
C LEU B 296 0.30 19.68 3.03
N VAL B 297 0.44 18.49 2.47
CA VAL B 297 0.97 17.34 3.20
C VAL B 297 2.31 17.00 2.58
N VAL B 298 3.39 17.26 3.31
CA VAL B 298 4.75 17.00 2.84
C VAL B 298 5.29 15.82 3.62
N THR B 299 5.63 14.74 2.91
CA THR B 299 6.13 13.52 3.53
C THR B 299 7.51 13.21 2.96
N ARG B 300 8.52 13.21 3.83
CA ARG B 300 9.89 12.90 3.45
C ARG B 300 10.26 13.59 2.13
N SER B 301 9.78 14.81 1.93
CA SER B 301 10.06 15.57 0.73
C SER B 301 10.42 16.99 1.13
N SER B 302 10.50 17.89 0.15
CA SER B 302 10.91 19.26 0.40
C SER B 302 9.99 20.21 -0.36
N ALA B 303 9.07 20.83 0.35
CA ALA B 303 8.27 21.92 -0.21
C ALA B 303 8.99 23.24 0.03
N MET B 304 8.57 24.27 -0.71
CA MET B 304 9.11 25.61 -0.50
C MET B 304 8.06 26.60 -1.00
N VAL B 305 7.32 27.20 -0.08
CA VAL B 305 6.22 28.11 -0.44
C VAL B 305 6.86 29.50 -0.56
N ARG B 306 7.39 29.77 -1.74
CA ARG B 306 8.05 31.05 -1.99
C ARG B 306 7.03 32.10 -2.40
N ALA B 307 7.03 33.24 -1.70
CA ALA B 307 6.13 34.33 -2.01
C ALA B 307 4.68 33.85 -2.12
N GLY B 308 4.36 32.75 -1.46
CA GLY B 308 3.04 32.17 -1.56
C GLY B 308 1.98 33.13 -1.06
N SER B 309 0.74 32.69 -0.98
CA SER B 309 -0.30 33.61 -0.55
C SER B 309 -1.27 33.02 0.47
N LEU B 310 -1.29 31.69 0.60
CA LEU B 310 -2.25 31.15 1.55
C LEU B 310 -2.15 29.63 1.59
N VAL B 311 -2.54 29.07 2.73
CA VAL B 311 -2.89 27.66 2.87
C VAL B 311 -3.94 27.57 3.96
N GLU B 312 -5.14 27.12 3.62
CA GLU B 312 -6.22 26.98 4.59
C GLU B 312 -6.61 25.51 4.76
N SER B 313 -7.18 25.22 5.91
CA SER B 313 -7.78 23.90 6.17
C SER B 313 -9.29 24.00 6.36
N THR B 314 -9.73 24.77 7.35
CA THR B 314 -11.16 25.00 7.55
C THR B 314 -11.90 23.71 7.89
N GLY B 315 -11.17 22.60 7.99
CA GLY B 315 -11.80 21.32 8.23
C GLY B 315 -11.39 20.67 9.53
N ASP B 316 -11.37 19.34 9.55
CA ASP B 316 -10.93 18.63 10.75
C ASP B 316 -9.41 18.71 10.91
N GLY B 317 -8.67 18.54 9.82
CA GLY B 317 -7.23 18.45 9.89
C GLY B 317 -6.51 19.76 9.61
N ALA B 318 -5.24 19.79 9.99
CA ALA B 318 -4.40 20.96 9.80
C ALA B 318 -3.97 21.09 8.34
N ALA B 319 -3.50 22.29 8.00
CA ALA B 319 -3.24 22.64 6.61
C ALA B 319 -1.81 22.41 6.16
N ALA B 320 -0.88 22.15 7.08
CA ALA B 320 0.55 22.12 6.77
C ALA B 320 1.22 20.89 7.36
N LEU B 321 0.65 19.72 7.11
CA LEU B 321 1.14 18.50 7.76
C LEU B 321 2.52 18.14 7.25
N LEU B 322 3.54 18.37 8.08
CA LEU B 322 4.89 17.89 7.81
C LEU B 322 5.11 16.55 8.49
N GLU B 323 5.85 15.67 7.81
CA GLU B 323 6.30 14.41 8.40
C GLU B 323 7.60 14.04 7.69
N SER B 324 8.73 14.35 8.33
CA SER B 324 10.04 14.16 7.74
C SER B 324 10.24 15.03 6.50
N GLY B 325 9.68 16.23 6.50
CA GLY B 325 9.73 17.10 5.35
C GLY B 325 10.36 18.44 5.69
N HIS B 326 10.99 19.05 4.70
CA HIS B 326 11.67 20.33 4.87
C HIS B 326 10.78 21.50 4.42
N LEU B 327 9.63 21.62 5.06
CA LEU B 327 8.74 22.73 4.74
C LEU B 327 9.46 24.06 4.94
N THR B 328 9.37 24.93 3.94
CA THR B 328 10.03 26.23 3.98
C THR B 328 9.05 27.31 3.51
N VAL B 329 8.27 27.86 4.44
CA VAL B 329 7.41 28.98 4.10
C VAL B 329 8.28 30.22 3.87
N ASP B 330 7.81 31.12 3.02
CA ASP B 330 8.53 32.35 2.74
C ASP B 330 7.58 33.35 2.13
N GLY B 331 7.37 34.46 2.83
CA GLY B 331 6.49 35.50 2.31
C GLY B 331 5.09 35.01 2.02
N SER B 332 4.55 34.15 2.86
CA SER B 332 3.21 33.62 2.68
C SER B 332 2.63 33.24 4.03
N VAL B 333 1.33 33.07 4.06
CA VAL B 333 0.60 32.76 5.29
C VAL B 333 0.16 31.30 5.24
N VAL B 334 0.72 30.51 6.14
CA VAL B 334 0.16 29.19 6.44
C VAL B 334 -0.86 29.38 7.54
N HIS B 335 -2.07 28.89 7.34
CA HIS B 335 -3.20 29.27 8.17
C HIS B 335 -3.93 28.04 8.68
N GLY B 336 -4.13 27.97 9.99
CA GLY B 336 -4.86 26.89 10.60
C GLY B 336 -6.33 27.24 10.73
N HIS B 337 -6.83 27.97 9.75
CA HIS B 337 -8.14 28.61 9.81
C HIS B 337 -9.20 27.71 10.43
N GLY B 338 -9.18 26.43 10.12
CA GLY B 338 -10.18 25.53 10.66
C GLY B 338 -9.79 24.82 11.94
N ALA B 339 -8.67 24.08 11.92
CA ALA B 339 -8.29 23.28 13.07
C ALA B 339 -6.92 23.65 13.64
N ALA B 340 -5.87 23.65 12.83
CA ALA B 340 -4.53 23.76 13.35
C ALA B 340 -3.59 24.30 12.29
N GLY B 341 -2.43 24.77 12.74
CA GLY B 341 -1.43 25.32 11.85
C GLY B 341 -0.51 24.27 11.29
N LEU B 342 0.80 24.43 11.50
CA LEU B 342 1.77 23.50 10.95
C LEU B 342 1.38 22.05 11.21
N GLU B 343 1.23 21.70 12.49
CA GLU B 343 0.81 20.36 12.88
C GLU B 343 1.78 19.29 12.34
N VAL B 344 3.01 19.36 12.83
CA VAL B 344 3.99 18.34 12.48
C VAL B 344 3.73 17.07 13.29
N ASP B 345 4.02 15.92 12.67
CA ASP B 345 4.05 14.64 13.36
C ASP B 345 5.13 13.79 12.67
N GLY B 346 6.34 13.87 13.17
CA GLY B 346 7.47 13.17 12.60
C GLY B 346 8.75 13.93 12.91
N GLU B 347 9.73 13.77 12.02
CA GLU B 347 10.97 14.54 12.11
C GLU B 347 10.95 15.62 11.03
N SER B 348 10.31 16.74 11.35
CA SER B 348 10.18 17.83 10.42
C SER B 348 11.44 18.70 10.42
N ASN B 349 11.49 19.64 9.47
CA ASN B 349 12.55 20.63 9.42
C ASN B 349 12.00 21.99 9.04
N VAL B 350 10.87 22.38 9.64
CA VAL B 350 10.18 23.58 9.21
C VAL B 350 11.10 24.79 9.31
N SER B 351 10.84 25.80 8.46
CA SER B 351 11.65 27.01 8.45
C SER B 351 10.81 28.14 7.87
N LEU B 352 10.29 29.00 8.74
CA LEU B 352 9.59 30.21 8.31
C LEU B 352 10.58 31.36 8.18
N LEU B 353 10.26 32.31 7.31
CA LEU B 353 11.06 33.51 7.18
C LEU B 353 10.29 34.53 6.36
N ASN B 354 10.77 35.77 6.41
CA ASN B 354 10.17 36.88 5.66
C ASN B 354 8.66 36.95 5.87
N GLY B 355 8.26 36.94 7.13
CA GLY B 355 6.86 37.15 7.48
C GLY B 355 5.94 36.03 7.07
N ALA B 356 6.10 34.87 7.68
CA ALA B 356 5.24 33.71 7.42
C ALA B 356 4.26 33.63 8.59
N ARG B 357 3.11 34.27 8.43
CA ARG B 357 2.17 34.40 9.53
C ARG B 357 1.48 33.07 9.82
N LEU B 358 2.22 32.12 10.39
CA LEU B 358 1.71 30.78 10.57
C LEU B 358 0.66 30.74 11.69
N SER B 359 -0.47 31.39 11.45
CA SER B 359 -1.52 31.48 12.45
C SER B 359 -2.36 30.20 12.45
N SER B 360 -3.32 30.15 13.37
CA SER B 360 -4.27 29.05 13.42
C SER B 360 -5.70 29.49 13.70
N ASP B 361 -5.97 30.79 13.83
CA ASP B 361 -7.27 31.28 14.25
C ASP B 361 -7.80 30.41 15.39
N GLN B 362 -6.90 30.03 16.28
CA GLN B 362 -7.22 29.11 17.37
C GLN B 362 -5.97 28.96 18.23
N PRO B 363 -6.07 28.39 19.42
CA PRO B 363 -4.87 28.03 20.17
C PRO B 363 -4.14 26.86 19.50
N THR B 364 -2.92 26.63 19.94
CA THR B 364 -2.11 25.48 19.50
C THR B 364 -1.88 25.53 17.99
N ALA B 365 -1.15 26.55 17.56
CA ALA B 365 -0.82 26.71 16.15
C ALA B 365 -0.13 25.46 15.60
N ILE B 366 1.03 25.12 16.15
CA ILE B 366 1.76 23.93 15.73
C ILE B 366 1.42 22.82 16.73
N ARG B 367 0.37 22.08 16.44
CA ARG B 367 0.14 20.86 17.17
C ARG B 367 1.19 19.83 16.77
N LEU B 368 1.29 18.76 17.55
CA LEU B 368 2.14 17.63 17.17
C LEU B 368 1.71 16.42 17.98
N ILE B 369 1.21 15.39 17.31
CA ILE B 369 0.70 14.21 18.00
C ILE B 369 1.81 13.53 18.79
N ASP B 370 2.93 13.26 18.13
CA ASP B 370 4.02 12.56 18.80
C ASP B 370 4.77 13.53 19.69
N PRO B 371 4.82 13.30 21.01
CA PRO B 371 5.57 14.22 21.88
C PRO B 371 7.03 14.35 21.52
N ARG B 372 7.67 13.26 21.09
CA ARG B 372 9.10 13.26 20.79
C ARG B 372 9.39 13.47 19.32
N SER B 373 8.39 13.87 18.53
CA SER B 373 8.63 14.14 17.11
C SER B 373 9.70 15.21 16.97
N VAL B 374 10.84 14.86 16.38
CA VAL B 374 11.98 15.77 16.35
C VAL B 374 11.67 16.87 15.36
N LEU B 375 11.22 18.01 15.89
CA LEU B 375 10.72 19.12 15.08
C LEU B 375 11.72 20.26 15.17
N ASN B 376 12.71 20.24 14.27
CA ASN B 376 13.72 21.28 14.22
C ASN B 376 13.12 22.53 13.58
N LEU B 377 12.18 23.14 14.31
CA LEU B 377 11.48 24.32 13.82
C LEU B 377 12.46 25.48 13.67
N ASP B 378 12.00 26.58 13.11
CA ASP B 378 12.86 27.73 12.90
C ASP B 378 11.99 28.94 12.61
N ILE B 379 12.59 30.12 12.76
CA ILE B 379 11.96 31.40 12.44
C ILE B 379 13.07 32.40 12.19
N LYS B 380 12.97 33.15 11.09
CA LYS B 380 14.07 34.02 10.73
C LYS B 380 13.60 35.28 10.02
N ASP B 381 14.09 36.43 10.50
CA ASP B 381 14.27 37.66 9.75
C ASP B 381 12.97 38.40 9.46
N ARG B 382 11.83 37.72 9.47
CA ARG B 382 10.57 38.44 9.61
C ARG B 382 9.45 37.61 10.20
N ALA B 383 9.68 36.36 10.55
CA ALA B 383 8.58 35.42 10.68
C ALA B 383 7.79 35.69 11.96
N GLN B 384 6.51 35.35 11.92
CA GLN B 384 5.61 35.45 13.07
C GLN B 384 4.97 34.09 13.26
N LEU B 385 5.25 33.43 14.38
CA LEU B 385 4.54 32.23 14.78
C LEU B 385 3.48 32.65 15.79
N LEU B 386 2.26 32.89 15.29
CA LEU B 386 1.20 33.44 16.11
C LEU B 386 0.29 32.33 16.61
N GLY B 387 0.85 31.47 17.45
CA GLY B 387 0.08 30.37 17.99
C GLY B 387 0.90 29.54 18.95
N ASP B 388 0.24 28.54 19.53
CA ASP B 388 0.84 27.70 20.54
C ASP B 388 1.54 26.49 19.93
N ILE B 389 2.10 25.66 20.81
CA ILE B 389 2.59 24.33 20.49
C ILE B 389 1.94 23.37 21.47
N ALA B 390 1.59 22.19 21.00
CA ALA B 390 0.94 21.28 21.94
C ALA B 390 0.78 19.87 21.39
N PRO B 391 0.94 18.85 22.24
CA PRO B 391 0.61 17.49 21.83
C PRO B 391 -0.89 17.27 21.77
N GLU B 392 -1.31 16.03 21.56
CA GLU B 392 -2.73 15.69 21.61
C GLU B 392 -3.22 15.44 23.03
N ALA B 393 -2.35 15.59 24.02
CA ALA B 393 -2.67 15.29 25.41
C ALA B 393 -1.84 16.22 26.29
N GLN B 394 -1.72 15.87 27.58
CA GLN B 394 -0.88 16.62 28.52
C GLN B 394 0.38 15.81 28.79
N GLN B 395 1.53 16.41 28.50
CA GLN B 395 2.79 15.70 28.57
C GLN B 395 3.88 16.54 29.22
N PRO B 400 4.39 16.15 30.38
CA PRO B 400 5.52 16.84 31.01
C PRO B 400 6.89 16.24 30.70
N GLU B 401 6.99 15.32 29.75
CA GLU B 401 8.20 14.56 29.54
C GLU B 401 9.23 15.40 28.78
N GLN B 402 10.28 14.76 28.29
CA GLN B 402 11.30 15.41 27.48
C GLN B 402 11.03 15.08 26.02
N ALA B 403 10.92 16.12 25.20
CA ALA B 403 10.51 15.98 23.81
C ALA B 403 11.57 16.57 22.89
N ARG B 404 11.60 16.08 21.66
CA ARG B 404 12.59 16.49 20.67
C ARG B 404 12.03 17.60 19.79
N VAL B 405 11.89 18.78 20.38
CA VAL B 405 11.39 19.96 19.68
C VAL B 405 12.33 21.12 19.97
N ARG B 406 12.70 21.85 18.94
CA ARG B 406 13.55 23.03 19.06
C ARG B 406 12.79 24.25 18.56
N VAL B 407 13.44 25.40 18.66
CA VAL B 407 12.92 26.66 18.14
C VAL B 407 14.09 27.61 17.98
N ALA B 408 14.03 28.45 16.96
CA ALA B 408 15.05 29.47 16.76
C ALA B 408 14.40 30.73 16.20
N LEU B 409 15.04 31.87 16.45
CA LEU B 409 14.53 33.15 15.98
C LEU B 409 15.71 34.08 15.74
N ALA B 410 15.49 35.07 14.89
CA ALA B 410 16.57 36.01 14.59
C ALA B 410 16.07 37.06 13.62
N ASP B 411 16.78 38.19 13.58
CA ASP B 411 16.57 39.25 12.60
C ASP B 411 15.08 39.62 12.48
N GLY B 412 14.34 39.48 13.56
CA GLY B 412 12.93 39.81 13.58
C GLY B 412 11.98 38.65 13.79
N GLY B 413 12.47 37.42 13.81
CA GLY B 413 11.61 36.28 14.08
C GLY B 413 10.91 36.44 15.41
N THR B 414 9.61 36.17 15.47
CA THR B 414 8.83 36.46 16.66
C THR B 414 7.80 35.36 16.86
N TRP B 415 8.04 34.49 17.83
CA TRP B 415 6.99 33.64 18.35
C TRP B 415 6.05 34.49 19.18
N ALA B 416 4.77 34.13 19.19
CA ALA B 416 3.78 34.84 19.98
C ALA B 416 2.82 33.87 20.66
N GLY B 417 3.33 32.79 21.24
CA GLY B 417 2.44 31.81 21.84
C GLY B 417 2.95 31.07 23.04
N ARG B 418 2.12 30.18 23.57
CA ARG B 418 2.44 29.33 24.70
C ARG B 418 2.74 27.93 24.19
N THR B 419 3.63 27.21 24.89
CA THR B 419 4.08 25.91 24.38
C THR B 419 3.69 24.74 25.26
N ASP B 420 4.11 24.69 26.52
CA ASP B 420 3.83 23.53 27.37
C ASP B 420 4.52 22.26 26.89
N GLY B 421 5.19 22.29 25.74
CA GLY B 421 5.73 21.06 25.16
C GLY B 421 7.06 21.16 24.45
N VAL B 423 7.66 22.35 24.42
CA VAL B 423 8.94 22.52 23.75
C VAL B 423 10.07 22.06 24.68
N HIS B 424 11.24 21.85 24.09
CA HIS B 424 12.44 21.44 24.81
C HIS B 424 13.48 22.54 24.90
N THR B 425 13.87 23.14 23.78
CA THR B 425 14.81 24.25 23.78
C THR B 425 14.28 25.36 22.90
N VAL B 426 14.45 26.60 23.35
CA VAL B 426 13.84 27.74 22.67
C VAL B 426 14.89 28.80 22.37
N ARG B 427 16.12 28.37 22.13
CA ARG B 427 17.22 29.29 21.87
C ARG B 427 16.77 30.44 20.98
N LEU B 428 17.05 31.66 21.41
CA LEU B 428 16.64 32.87 20.71
C LEU B 428 17.87 33.70 20.38
N LEU B 429 17.93 34.21 19.15
CA LEU B 429 19.07 34.98 18.69
C LEU B 429 18.71 36.47 18.66
N ASP B 430 19.62 37.28 18.11
CA ASP B 430 19.41 38.72 18.08
C ASP B 430 18.10 39.05 17.37
N ARG B 431 17.35 39.98 17.96
CA ARG B 431 16.00 40.35 17.55
C ARG B 431 14.98 39.29 17.91
N GLY B 432 15.39 38.15 18.46
CA GLY B 432 14.42 37.14 18.85
C GLY B 432 13.44 37.68 19.87
N VAL B 433 12.17 37.39 19.67
CA VAL B 433 11.13 37.85 20.58
C VAL B 433 10.11 36.74 20.80
N TRP B 434 10.19 36.05 21.93
CA TRP B 434 9.22 35.00 22.20
C TRP B 434 7.87 35.59 22.57
N THR B 435 7.84 36.61 23.42
CA THR B 435 6.59 37.24 23.86
C THR B 435 5.62 36.18 24.38
N VAL B 436 6.02 35.52 25.46
CA VAL B 436 5.20 34.44 26.00
C VAL B 436 3.86 35.00 26.48
N THR B 437 2.91 34.09 26.70
CA THR B 437 1.56 34.49 27.06
C THR B 437 0.99 33.77 28.28
N GLY B 438 1.52 32.62 28.68
CA GLY B 438 0.95 31.93 29.81
C GLY B 438 1.80 30.78 30.28
N ASP B 439 1.20 29.95 31.13
CA ASP B 439 1.90 28.84 31.75
C ASP B 439 2.58 27.97 30.69
N SER B 440 3.85 27.68 30.91
CA SER B 440 4.63 26.95 29.92
C SER B 440 5.85 26.34 30.59
N ARG B 441 5.95 25.02 30.57
CA ARG B 441 7.12 24.32 31.06
C ARG B 441 8.07 24.09 29.89
N VAL B 442 9.23 24.75 29.94
CA VAL B 442 10.20 24.72 28.86
C VAL B 442 11.51 24.15 29.39
N ALA B 443 12.07 23.17 28.69
CA ALA B 443 13.25 22.46 29.17
C ALA B 443 14.51 23.31 29.17
N GLU B 444 14.53 24.44 28.46
CA GLU B 444 15.75 25.24 28.37
C GLU B 444 15.43 26.49 27.57
N VAL B 445 16.32 27.47 27.65
CA VAL B 445 16.22 28.70 26.87
C VAL B 445 17.62 29.24 26.66
N LYS B 446 17.77 30.12 25.67
CA LYS B 446 19.05 30.78 25.42
C LYS B 446 18.75 32.12 24.74
N LEU B 447 18.84 33.20 25.50
CA LEU B 447 18.58 34.54 24.97
C LEU B 447 19.88 35.17 24.48
N GLU B 448 19.79 35.88 23.37
CA GLU B 448 20.96 36.54 22.78
C GLU B 448 20.57 37.80 22.02
#